data_5KSU
#
_entry.id   5KSU
#
_cell.length_a   128.860
_cell.length_b   69.210
_cell.length_c   146.690
_cell.angle_alpha   90.00
_cell.angle_beta   110.29
_cell.angle_gamma   90.00
#
_symmetry.space_group_name_H-M   'C 1 2 1'
#
loop_
_entity.id
_entity.type
_entity.pdbx_description
1 polymer 'HLA class II histocompatibility antigen, DQ alpha 1 chain'
2 polymer 'MHC class II HLA-DQ-beta-1'
3 polymer 'HLA class II histocompatibility antigen gamma chain'
4 water water
#
loop_
_entity_poly.entity_id
_entity_poly.type
_entity_poly.pdbx_seq_one_letter_code
_entity_poly.pdbx_strand_id
1 'polypeptide(L)'
;EDIVADHVASYGVNLYQSYGPSGQYTHEFDGDEQFYVDLGRKETVWCLPVLRQFRFDPQFALTNIAVLKHNLNSLIKRSN
STAATNEVPEVTVFSKSPVTLGQPNILICLVDNIFPPVVNITWLSNGHSVTEGVSETSFLSKSDHSFFKISYLTLLPSAE
ESYDCKVEHWGLDKPLLKHWEPEIPAPMSELTEVDIEGR
;
A,D
2 'polypeptide(L)'
;RDSPEDFVYQFKGMCYFTNGTERVRLVSRSIYNREEIVRFDSDVGEFRAVTLLGLPAAEYWNSQKDILERKRAAVDRVCR
HNYQLELRTTLQRRVEPTVTISPSRTEALNHHNLLVCSVTDFYPAQIKVRWFRNDQEETAGVVSTPLIRNGDWTFQILVM
LEMTPQRGDVYTCHVEHPSLQSPITVEWRAQSESAQSKVDIEGR
;
B,E
3 'polypeptide(L)' PVSKMRMATPLLMQA C,F
#
# COMPACT_ATOMS: atom_id res chain seq x y z
N ASP A 2 -1.47 -7.58 4.24
CA ASP A 2 -0.02 -7.61 4.40
C ASP A 2 0.49 -9.03 4.66
N ILE A 3 -0.44 -9.91 5.05
CA ILE A 3 -0.15 -11.34 5.24
C ILE A 3 -0.27 -12.08 3.92
N VAL A 4 0.70 -12.91 3.61
CA VAL A 4 0.72 -13.65 2.35
C VAL A 4 0.06 -15.03 2.49
N ALA A 5 -0.94 -15.30 1.66
CA ALA A 5 -1.64 -16.58 1.66
C ALA A 5 -2.17 -16.90 0.26
N ASP A 6 -2.39 -18.20 0.03
CA ASP A 6 -3.13 -18.68 -1.14
C ASP A 6 -4.57 -18.14 -1.20
N HIS A 7 -5.28 -18.23 -0.08
CA HIS A 7 -6.68 -17.79 0.02
C HIS A 7 -6.94 -17.05 1.30
N VAL A 8 -7.79 -16.03 1.20
CA VAL A 8 -8.08 -15.14 2.31
C VAL A 8 -9.59 -14.95 2.41
N ALA A 9 -10.14 -15.26 3.57
CA ALA A 9 -11.57 -15.14 3.79
C ALA A 9 -11.85 -14.07 4.85
N SER A 10 -13.03 -13.47 4.79
CA SER A 10 -13.55 -12.72 5.93
C SER A 10 -14.82 -13.41 6.35
N TYR A 11 -14.72 -14.24 7.38
CA TYR A 11 -15.86 -14.93 7.91
C TYR A 11 -16.35 -14.05 9.02
N GLY A 12 -16.65 -12.84 8.57
CA GLY A 12 -17.22 -11.81 9.36
C GLY A 12 -16.63 -10.49 8.96
N VAL A 13 -17.29 -9.78 8.04
CA VAL A 13 -17.04 -8.33 7.99
C VAL A 13 -18.23 -7.66 8.66
N ASN A 14 -18.03 -7.27 9.91
CA ASN A 14 -19.09 -6.73 10.76
C ASN A 14 -18.95 -5.22 10.81
N LEU A 15 -19.97 -4.52 10.35
CA LEU A 15 -19.90 -3.07 10.33
C LEU A 15 -21.07 -2.32 11.03
N TYR A 16 -20.73 -1.34 11.85
CA TYR A 16 -21.75 -0.47 12.45
C TYR A 16 -21.31 0.97 12.37
N GLN A 17 -22.26 1.87 12.15
CA GLN A 17 -21.90 3.28 12.18
C GLN A 17 -23.00 4.15 12.80
N SER A 18 -22.59 5.22 13.47
CA SER A 18 -23.51 6.10 14.17
C SER A 18 -24.48 6.77 13.20
N TYR A 19 -23.98 7.27 12.07
CA TYR A 19 -24.83 7.93 11.09
C TYR A 19 -25.90 7.00 10.54
N GLY A 20 -27.16 7.42 10.68
CA GLY A 20 -28.27 6.56 10.34
C GLY A 20 -29.17 6.34 11.54
N PRO A 21 -28.79 5.38 12.41
CA PRO A 21 -27.61 4.53 12.27
C PRO A 21 -27.88 3.37 11.31
N SER A 22 -26.82 2.69 10.91
CA SER A 22 -26.95 1.55 10.01
C SER A 22 -25.89 0.49 10.27
N GLY A 23 -26.15 -0.74 9.84
CA GLY A 23 -25.19 -1.81 9.95
C GLY A 23 -25.09 -2.56 8.64
N GLN A 24 -24.15 -3.50 8.57
CA GLN A 24 -23.96 -4.39 7.44
C GLN A 24 -23.27 -5.63 7.95
N TYR A 25 -23.64 -6.79 7.42
CA TYR A 25 -22.94 -8.03 7.73
C TYR A 25 -22.76 -8.92 6.50
N THR A 26 -21.53 -9.36 6.22
CA THR A 26 -21.24 -10.04 4.94
C THR A 26 -20.09 -11.01 5.09
N HIS A 27 -20.03 -12.03 4.24
CA HIS A 27 -18.82 -12.83 4.18
C HIS A 27 -18.16 -12.63 2.84
N GLU A 28 -16.84 -12.51 2.85
CA GLU A 28 -16.11 -12.31 1.62
C GLU A 28 -15.18 -13.48 1.44
N PHE A 29 -14.91 -13.85 0.19
CA PHE A 29 -13.89 -14.84 -0.06
C PHE A 29 -13.09 -14.44 -1.29
N ASP A 30 -11.76 -14.38 -1.14
CA ASP A 30 -10.88 -13.87 -2.17
C ASP A 30 -11.32 -12.58 -2.85
N GLY A 31 -11.95 -11.69 -2.09
CA GLY A 31 -12.27 -10.36 -2.57
C GLY A 31 -13.69 -10.23 -3.09
N ASP A 32 -14.43 -11.33 -3.10
CA ASP A 32 -15.82 -11.27 -3.56
C ASP A 32 -16.83 -11.57 -2.46
N GLU A 33 -18.02 -11.01 -2.60
CA GLU A 33 -19.05 -11.15 -1.58
C GLU A 33 -19.78 -12.48 -1.69
N GLN A 34 -19.68 -13.33 -0.68
CA GLN A 34 -20.37 -14.60 -0.66
C GLN A 34 -21.82 -14.42 -0.34
N PHE A 35 -22.10 -13.59 0.66
CA PHE A 35 -23.46 -13.19 1.03
C PHE A 35 -23.46 -11.99 1.95
N TYR A 36 -24.63 -11.38 2.11
CA TYR A 36 -24.83 -10.36 3.12
C TYR A 36 -26.09 -10.78 3.85
N VAL A 37 -26.31 -10.27 5.06
CA VAL A 37 -27.54 -10.53 5.77
C VAL A 37 -28.41 -9.27 5.74
N ASP A 38 -29.70 -9.42 5.38
CA ASP A 38 -30.67 -8.32 5.39
C ASP A 38 -31.14 -8.12 6.83
N LEU A 39 -30.57 -7.12 7.50
CA LEU A 39 -30.77 -7.00 8.95
C LEU A 39 -32.21 -6.64 9.30
N GLY A 40 -32.81 -5.77 8.50
CA GLY A 40 -34.22 -5.43 8.65
C GLY A 40 -35.18 -6.60 8.43
N ARG A 41 -34.73 -7.64 7.75
CA ARG A 41 -35.57 -8.77 7.45
C ARG A 41 -35.11 -10.05 8.13
N LYS A 42 -34.01 -10.00 8.88
CA LYS A 42 -33.40 -11.23 9.43
C LYS A 42 -33.28 -12.34 8.35
N GLU A 43 -32.66 -12.01 7.22
CA GLU A 43 -32.63 -12.88 6.05
C GLU A 43 -31.23 -12.96 5.43
N THR A 44 -30.75 -14.19 5.18
CA THR A 44 -29.47 -14.42 4.48
C THR A 44 -29.65 -14.42 2.97
N VAL A 45 -28.94 -13.53 2.29
CA VAL A 45 -29.04 -13.40 0.84
C VAL A 45 -27.71 -13.81 0.21
N TRP A 46 -27.65 -14.98 -0.43
CA TRP A 46 -26.42 -15.45 -1.06
C TRP A 46 -26.13 -14.72 -2.38
N CYS A 47 -24.85 -14.49 -2.68
CA CYS A 47 -24.50 -13.64 -3.81
C CYS A 47 -23.76 -14.45 -4.86
N LEU A 48 -23.51 -15.72 -4.52
CA LEU A 48 -22.94 -16.68 -5.45
C LEU A 48 -23.83 -17.88 -5.34
N PRO A 49 -24.60 -18.14 -6.40
CA PRO A 49 -25.65 -19.14 -6.53
C PRO A 49 -25.34 -20.48 -5.86
N VAL A 50 -24.19 -21.08 -6.17
CA VAL A 50 -23.82 -22.39 -5.61
C VAL A 50 -23.96 -22.49 -4.10
N LEU A 51 -23.79 -21.37 -3.42
CA LEU A 51 -23.74 -21.36 -1.96
C LEU A 51 -25.12 -21.40 -1.32
N ARG A 52 -26.18 -21.39 -2.13
CA ARG A 52 -27.53 -21.44 -1.59
C ARG A 52 -27.81 -22.80 -0.95
N GLN A 53 -26.96 -23.79 -1.22
CA GLN A 53 -27.14 -25.09 -0.59
C GLN A 53 -26.78 -25.11 0.90
N PHE A 54 -26.08 -24.08 1.37
CA PHE A 54 -25.63 -24.02 2.76
C PHE A 54 -26.56 -23.16 3.63
N ARG A 55 -26.47 -23.34 4.94
CA ARG A 55 -27.27 -22.51 5.84
C ARG A 55 -26.36 -21.53 6.62
N PHE A 56 -26.98 -20.44 7.09
CA PHE A 56 -26.35 -19.47 7.98
C PHE A 56 -27.43 -18.66 8.68
N ASP A 57 -27.58 -18.87 9.99
CA ASP A 57 -28.60 -18.20 10.81
C ASP A 57 -28.41 -16.69 10.90
N PRO A 58 -29.33 -15.93 10.28
CA PRO A 58 -29.25 -14.46 10.20
C PRO A 58 -29.33 -13.77 11.57
N GLN A 59 -29.92 -14.45 12.54
CA GLN A 59 -30.13 -13.91 13.89
C GLN A 59 -28.81 -13.43 14.48
N PHE A 60 -27.80 -14.28 14.36
CA PHE A 60 -26.54 -14.04 15.02
C PHE A 60 -25.77 -12.86 14.43
N ALA A 61 -26.02 -12.57 13.17
CA ALA A 61 -25.49 -11.34 12.60
C ALA A 61 -26.08 -10.13 13.31
N LEU A 62 -27.36 -10.19 13.69
CA LEU A 62 -27.97 -9.06 14.40
C LEU A 62 -27.34 -8.90 15.76
N THR A 63 -27.11 -10.03 16.42
CA THR A 63 -26.44 -10.06 17.70
C THR A 63 -25.06 -9.42 17.63
N ASN A 64 -24.27 -9.81 16.62
CA ASN A 64 -22.95 -9.26 16.43
C ASN A 64 -22.99 -7.75 16.33
N ILE A 65 -23.95 -7.23 15.58
CA ILE A 65 -24.03 -5.80 15.36
C ILE A 65 -24.32 -5.10 16.67
N ALA A 66 -25.08 -5.77 17.52
CA ALA A 66 -25.41 -5.26 18.84
C ALA A 66 -24.12 -5.03 19.68
N VAL A 67 -23.27 -6.06 19.74
CA VAL A 67 -21.97 -5.95 20.40
C VAL A 67 -21.19 -4.73 19.89
N LEU A 68 -21.09 -4.62 18.55
CA LEU A 68 -20.38 -3.51 17.90
C LEU A 68 -20.95 -2.16 18.33
N LYS A 69 -22.27 -2.10 18.39
CA LYS A 69 -23.00 -0.90 18.76
C LYS A 69 -22.56 -0.44 20.14
N HIS A 70 -22.41 -1.40 21.05
CA HIS A 70 -22.00 -1.07 22.42
C HIS A 70 -20.56 -0.56 22.40
N ASN A 71 -19.70 -1.33 21.75
CA ASN A 71 -18.28 -1.03 21.73
C ASN A 71 -18.01 0.32 21.11
N LEU A 72 -18.78 0.66 20.09
CA LEU A 72 -18.58 1.94 19.43
C LEU A 72 -18.86 3.03 20.43
N ASN A 73 -19.90 2.85 21.23
CA ASN A 73 -20.23 3.85 22.21
C ASN A 73 -19.11 4.04 23.19
N SER A 74 -18.50 2.93 23.62
CA SER A 74 -17.39 2.98 24.56
C SER A 74 -16.21 3.75 24.01
N LEU A 75 -15.97 3.59 22.71
CA LEU A 75 -14.81 4.20 22.08
C LEU A 75 -15.04 5.65 21.68
N ILE A 76 -16.27 6.02 21.37
CA ILE A 76 -16.57 7.43 21.12
C ILE A 76 -16.28 8.20 22.40
N LYS A 77 -16.71 7.62 23.52
CA LYS A 77 -16.45 8.19 24.82
C LYS A 77 -14.94 8.24 25.06
N ARG A 78 -14.27 7.11 24.87
CA ARG A 78 -12.87 7.02 25.23
C ARG A 78 -11.93 7.81 24.29
N SER A 79 -12.35 8.04 23.05
CA SER A 79 -11.49 8.77 22.12
C SER A 79 -11.75 10.27 22.07
N ASN A 80 -12.51 10.79 23.05
CA ASN A 80 -12.90 12.20 23.06
C ASN A 80 -13.64 12.59 21.77
N SER A 81 -14.56 11.71 21.35
CA SER A 81 -15.40 11.92 20.16
C SER A 81 -14.60 12.14 18.88
N THR A 82 -13.59 11.31 18.66
CA THR A 82 -12.83 11.42 17.43
C THR A 82 -13.57 10.79 16.25
N ALA A 83 -14.07 11.65 15.38
CA ALA A 83 -14.92 11.23 14.26
C ALA A 83 -14.15 10.85 12.97
N ALA A 84 -14.80 10.08 12.10
CA ALA A 84 -14.12 9.54 10.91
C ALA A 84 -13.67 10.63 9.95
N THR A 85 -12.60 10.36 9.22
CA THR A 85 -12.15 11.30 8.21
C THR A 85 -12.74 10.97 6.84
N ASN A 86 -13.25 11.99 6.17
CA ASN A 86 -13.79 11.83 4.82
C ASN A 86 -12.71 11.70 3.74
N GLU A 87 -12.69 10.56 3.04
CA GLU A 87 -11.73 10.34 1.96
C GLU A 87 -12.31 10.88 0.68
N VAL A 88 -11.50 11.00 -0.37
CA VAL A 88 -12.07 11.22 -1.71
C VAL A 88 -12.19 9.88 -2.42
N PRO A 89 -13.42 9.53 -2.82
CA PRO A 89 -13.62 8.26 -3.52
C PRO A 89 -13.01 8.29 -4.93
N GLU A 90 -12.68 7.11 -5.45
CA GLU A 90 -12.04 6.96 -6.76
C GLU A 90 -12.93 6.17 -7.73
N VAL A 91 -13.45 6.85 -8.76
CA VAL A 91 -14.45 6.26 -9.67
C VAL A 91 -13.95 5.83 -11.05
N THR A 92 -14.46 4.69 -11.52
CA THR A 92 -14.13 4.15 -12.83
C THR A 92 -15.36 3.48 -13.41
N VAL A 93 -15.66 3.73 -14.69
CA VAL A 93 -16.72 2.98 -15.36
C VAL A 93 -16.27 2.24 -16.61
N PHE A 94 -16.60 0.95 -16.64
CA PHE A 94 -16.25 0.07 -17.73
C PHE A 94 -17.38 -0.93 -17.99
N SER A 95 -17.30 -1.67 -19.10
CA SER A 95 -18.33 -2.65 -19.43
C SER A 95 -17.89 -4.06 -19.06
N LYS A 96 -18.87 -4.96 -18.89
CA LYS A 96 -18.55 -6.32 -18.54
C LYS A 96 -18.01 -7.09 -19.77
N SER A 97 -18.54 -6.75 -20.93
CA SER A 97 -18.25 -7.44 -22.17
C SER A 97 -17.79 -6.42 -23.20
N PRO A 98 -17.13 -6.88 -24.28
CA PRO A 98 -16.86 -5.90 -25.33
C PRO A 98 -18.17 -5.43 -25.96
N VAL A 99 -18.24 -4.15 -26.31
CA VAL A 99 -19.46 -3.54 -26.81
C VAL A 99 -19.86 -3.88 -28.27
N THR A 100 -21.08 -4.40 -28.41
CA THR A 100 -21.69 -4.66 -29.71
C THR A 100 -23.07 -4.00 -29.72
N LEU A 101 -23.29 -3.11 -30.67
CA LEU A 101 -24.55 -2.38 -30.73
C LEU A 101 -25.74 -3.33 -30.75
N GLY A 102 -26.67 -3.15 -29.81
CA GLY A 102 -27.86 -3.95 -29.77
C GLY A 102 -27.70 -5.29 -29.08
N GLN A 103 -26.47 -5.61 -28.69
CA GLN A 103 -26.23 -6.86 -27.99
C GLN A 103 -26.11 -6.52 -26.50
N PRO A 104 -26.82 -7.25 -25.62
CA PRO A 104 -26.89 -7.03 -24.17
C PRO A 104 -25.55 -6.92 -23.45
N ASN A 105 -25.43 -5.87 -22.64
CA ASN A 105 -24.22 -5.66 -21.89
C ASN A 105 -24.56 -5.23 -20.47
N ILE A 106 -23.52 -5.05 -19.66
CA ILE A 106 -23.66 -4.52 -18.31
C ILE A 106 -22.58 -3.47 -18.08
N LEU A 107 -22.97 -2.29 -17.59
CA LEU A 107 -21.99 -1.27 -17.23
C LEU A 107 -21.64 -1.47 -15.79
N ILE A 108 -20.35 -1.37 -15.48
CA ILE A 108 -19.84 -1.49 -14.11
C ILE A 108 -19.39 -0.12 -13.67
N CYS A 109 -19.88 0.34 -12.52
CA CYS A 109 -19.31 1.53 -11.88
C CYS A 109 -18.58 1.14 -10.64
N LEU A 110 -17.25 1.24 -10.69
CA LEU A 110 -16.41 0.96 -9.53
C LEU A 110 -16.17 2.24 -8.69
N VAL A 111 -16.54 2.20 -7.42
CA VAL A 111 -16.26 3.30 -6.50
C VAL A 111 -15.30 2.86 -5.39
N ASP A 112 -14.10 3.42 -5.40
CA ASP A 112 -13.04 2.95 -4.51
C ASP A 112 -12.69 3.96 -3.40
N ASN A 113 -11.88 3.50 -2.44
CA ASN A 113 -11.46 4.33 -1.33
C ASN A 113 -12.63 5.07 -0.67
N ILE A 114 -13.63 4.30 -0.26
CA ILE A 114 -14.81 4.87 0.35
C ILE A 114 -14.65 4.91 1.86
N PHE A 115 -14.72 6.11 2.43
CA PHE A 115 -14.79 6.27 3.88
C PHE A 115 -15.23 7.67 4.27
N PRO A 116 -16.24 7.76 5.16
CA PRO A 116 -16.96 6.64 5.79
C PRO A 116 -17.86 5.89 4.78
N PRO A 117 -18.39 4.70 5.15
CA PRO A 117 -19.22 3.94 4.21
C PRO A 117 -20.60 4.58 4.03
N VAL A 118 -20.63 5.74 3.41
CA VAL A 118 -21.88 6.40 3.06
C VAL A 118 -21.72 7.02 1.67
N VAL A 119 -22.59 6.62 0.76
CA VAL A 119 -22.49 7.06 -0.63
C VAL A 119 -23.80 6.83 -1.35
N ASN A 120 -24.10 7.74 -2.27
CA ASN A 120 -25.22 7.60 -3.19
C ASN A 120 -24.64 7.35 -4.60
N ILE A 121 -24.95 6.20 -5.18
CA ILE A 121 -24.50 5.88 -6.54
C ILE A 121 -25.68 5.65 -7.50
N THR A 122 -25.84 6.57 -8.45
CA THR A 122 -26.98 6.54 -9.37
C THR A 122 -26.47 6.70 -10.81
N TRP A 123 -27.31 6.41 -11.80
CA TRP A 123 -26.93 6.49 -13.23
C TRP A 123 -27.67 7.56 -14.01
N LEU A 124 -27.04 8.08 -15.06
CA LEU A 124 -27.66 9.10 -15.90
C LEU A 124 -27.52 8.77 -17.39
N SER A 125 -28.64 8.65 -18.09
CA SER A 125 -28.64 8.43 -19.53
C SER A 125 -29.01 9.70 -20.27
N ASN A 126 -28.04 10.29 -20.98
CA ASN A 126 -28.26 11.50 -21.75
C ASN A 126 -28.86 12.65 -20.93
N GLY A 127 -28.51 12.68 -19.64
CA GLY A 127 -29.00 13.67 -18.70
C GLY A 127 -30.18 13.29 -17.80
N HIS A 128 -30.95 12.29 -18.20
CA HIS A 128 -32.07 11.78 -17.45
C HIS A 128 -31.49 10.73 -16.55
N SER A 129 -32.16 10.37 -15.45
CA SER A 129 -31.69 9.28 -14.60
C SER A 129 -32.30 7.94 -14.99
N VAL A 130 -31.58 6.87 -14.68
CA VAL A 130 -32.03 5.52 -15.02
C VAL A 130 -32.36 4.69 -13.78
N THR A 131 -33.55 4.12 -13.76
CA THR A 131 -34.07 3.42 -12.58
C THR A 131 -33.90 1.90 -12.68
N GLU A 132 -34.26 1.30 -13.82
CA GLU A 132 -34.27 -0.16 -13.89
C GLU A 132 -33.01 -0.68 -14.54
N GLY A 133 -32.67 -1.92 -14.19
CA GLY A 133 -31.46 -2.57 -14.66
C GLY A 133 -30.31 -2.29 -13.72
N VAL A 134 -30.62 -1.63 -12.61
CA VAL A 134 -29.62 -1.16 -11.67
C VAL A 134 -29.57 -2.03 -10.41
N SER A 135 -28.38 -2.47 -10.06
CA SER A 135 -28.17 -3.20 -8.83
C SER A 135 -26.80 -2.84 -8.35
N GLU A 136 -26.43 -3.32 -7.16
CA GLU A 136 -25.10 -3.02 -6.64
C GLU A 136 -24.70 -3.99 -5.57
N THR A 137 -23.39 -4.09 -5.31
CA THR A 137 -22.87 -4.89 -4.21
C THR A 137 -23.05 -4.18 -2.87
N SER A 138 -22.80 -4.92 -1.79
CA SER A 138 -22.61 -4.33 -0.48
C SER A 138 -21.34 -3.51 -0.49
N PHE A 139 -20.98 -2.95 0.67
CA PHE A 139 -19.67 -2.35 0.83
C PHE A 139 -18.65 -3.47 1.01
N LEU A 140 -17.66 -3.53 0.13
CA LEU A 140 -16.62 -4.54 0.28
C LEU A 140 -15.43 -3.97 1.04
N SER A 141 -14.77 -4.81 1.82
CA SER A 141 -13.70 -4.31 2.68
C SER A 141 -12.38 -4.29 1.93
N LYS A 142 -11.49 -3.42 2.38
CA LYS A 142 -10.11 -3.34 1.92
C LYS A 142 -9.23 -3.52 3.13
N SER A 143 -7.95 -3.81 2.91
CA SER A 143 -7.04 -4.02 4.01
C SER A 143 -6.69 -2.71 4.72
N ASP A 144 -6.97 -1.57 4.10
CA ASP A 144 -6.69 -0.28 4.74
C ASP A 144 -7.92 0.28 5.45
N HIS A 145 -8.93 -0.59 5.54
CA HIS A 145 -10.20 -0.37 6.24
C HIS A 145 -11.13 0.65 5.65
N SER A 146 -10.88 1.05 4.40
CA SER A 146 -11.90 1.77 3.66
C SER A 146 -12.71 0.73 2.92
N PHE A 147 -13.72 1.17 2.20
CA PHE A 147 -14.53 0.22 1.45
C PHE A 147 -14.50 0.53 -0.04
N PHE A 148 -14.95 -0.43 -0.85
CA PHE A 148 -15.41 -0.14 -2.20
C PHE A 148 -16.79 -0.73 -2.46
N LYS A 149 -17.45 -0.23 -3.49
CA LYS A 149 -18.81 -0.65 -3.81
C LYS A 149 -18.94 -0.54 -5.32
N ILE A 150 -19.61 -1.52 -5.90
CA ILE A 150 -19.79 -1.63 -7.35
C ILE A 150 -21.27 -1.54 -7.77
N SER A 151 -21.58 -0.66 -8.70
CA SER A 151 -22.92 -0.48 -9.24
C SER A 151 -23.03 -0.98 -10.67
N TYR A 152 -24.12 -1.68 -10.97
CA TYR A 152 -24.33 -2.27 -12.30
C TYR A 152 -25.57 -1.73 -13.00
N LEU A 153 -25.46 -1.50 -14.30
CA LEU A 153 -26.61 -1.12 -15.12
C LEU A 153 -26.69 -2.03 -16.35
N THR A 154 -27.87 -2.55 -16.63
CA THR A 154 -28.04 -3.38 -17.83
C THR A 154 -28.44 -2.53 -19.03
N LEU A 155 -27.93 -2.88 -20.20
CA LEU A 155 -28.26 -2.09 -21.37
C LEU A 155 -28.02 -2.78 -22.69
N LEU A 156 -28.72 -2.27 -23.70
CA LEU A 156 -28.35 -2.50 -25.08
C LEU A 156 -27.64 -1.27 -25.57
N PRO A 157 -26.34 -1.41 -25.81
CA PRO A 157 -25.55 -0.33 -26.39
C PRO A 157 -26.10 0.15 -27.75
N SER A 158 -26.17 1.45 -27.92
CA SER A 158 -26.66 2.03 -29.13
C SER A 158 -25.89 3.31 -29.36
N ALA A 159 -25.50 3.55 -30.61
CA ALA A 159 -24.76 4.75 -30.95
C ALA A 159 -25.54 6.01 -30.56
N GLU A 160 -24.82 7.05 -30.15
CA GLU A 160 -25.44 8.31 -29.74
C GLU A 160 -26.34 8.11 -28.52
N GLU A 161 -25.95 7.17 -27.67
CA GLU A 161 -26.68 6.93 -26.44
C GLU A 161 -25.64 6.64 -25.35
N SER A 162 -25.47 7.63 -24.47
CA SER A 162 -24.39 7.61 -23.49
C SER A 162 -24.87 7.62 -22.04
N TYR A 163 -23.95 7.28 -21.14
CA TYR A 163 -24.29 7.11 -19.74
C TYR A 163 -23.29 7.85 -18.84
N ASP A 164 -23.78 8.30 -17.70
CA ASP A 164 -22.93 8.91 -16.67
C ASP A 164 -23.18 8.13 -15.41
N CYS A 165 -22.11 7.80 -14.68
CA CYS A 165 -22.23 7.19 -13.37
C CYS A 165 -22.08 8.27 -12.30
N LYS A 166 -23.13 8.51 -11.52
CA LYS A 166 -23.18 9.65 -10.61
C LYS A 166 -22.98 9.27 -9.15
N VAL A 167 -21.88 9.76 -8.57
CA VAL A 167 -21.46 9.44 -7.21
C VAL A 167 -21.52 10.65 -6.25
N GLU A 168 -22.12 10.44 -5.07
CA GLU A 168 -22.20 11.46 -4.01
C GLU A 168 -21.53 11.00 -2.71
N HIS A 169 -20.53 11.75 -2.25
CA HIS A 169 -19.82 11.39 -1.02
C HIS A 169 -19.41 12.64 -0.24
N TRP A 170 -19.20 12.51 1.07
CA TRP A 170 -18.86 13.69 1.90
C TRP A 170 -17.48 14.20 1.59
N GLY A 171 -16.60 13.32 1.18
CA GLY A 171 -15.28 13.74 0.73
C GLY A 171 -15.31 14.42 -0.63
N LEU A 172 -16.50 14.66 -1.18
CA LEU A 172 -16.64 15.29 -2.49
C LEU A 172 -17.38 16.63 -2.41
N ASP A 173 -16.74 17.66 -2.94
CA ASP A 173 -17.29 19.02 -2.91
C ASP A 173 -18.59 19.12 -3.68
N LYS A 174 -18.57 18.62 -4.91
CA LYS A 174 -19.76 18.56 -5.75
C LYS A 174 -19.78 17.15 -6.28
N PRO A 175 -20.99 16.55 -6.43
CA PRO A 175 -21.16 15.19 -6.97
C PRO A 175 -20.31 14.95 -8.22
N LEU A 176 -19.78 13.74 -8.34
CA LEU A 176 -18.88 13.39 -9.43
C LEU A 176 -19.60 12.56 -10.52
N LEU A 177 -19.30 12.84 -11.80
CA LEU A 177 -19.90 12.11 -12.92
C LEU A 177 -18.86 11.42 -13.79
N LYS A 178 -18.84 10.08 -13.83
CA LYS A 178 -17.96 9.37 -14.75
C LYS A 178 -18.69 8.93 -16.01
N HIS A 179 -18.18 9.36 -17.15
CA HIS A 179 -18.88 9.22 -18.43
C HIS A 179 -18.49 7.94 -19.14
N TRP A 180 -19.45 7.40 -19.91
CA TRP A 180 -19.19 6.25 -20.75
C TRP A 180 -19.84 6.36 -22.14
N GLU A 181 -19.03 6.28 -23.18
CA GLU A 181 -19.53 6.23 -24.56
C GLU A 181 -19.19 4.87 -25.15
N PRO A 182 -20.07 4.35 -26.01
CA PRO A 182 -19.68 3.21 -26.83
C PRO A 182 -18.87 3.73 -28.03
N GLU A 183 -17.85 3.07 -28.51
CA GLU A 183 -16.91 3.69 -29.42
C GLU A 183 -15.89 2.65 -29.83
N SER B 3 -20.65 19.43 6.36
CA SER B 3 -20.83 17.99 6.18
C SER B 3 -21.11 17.28 7.53
N PRO B 4 -21.86 16.17 7.48
CA PRO B 4 -22.28 15.42 8.68
C PRO B 4 -21.14 14.69 9.36
N GLU B 5 -21.28 14.36 10.64
CA GLU B 5 -20.23 13.60 11.31
C GLU B 5 -20.64 12.15 11.56
N ASP B 6 -19.65 11.26 11.60
CA ASP B 6 -19.89 9.83 11.65
C ASP B 6 -18.84 9.06 12.47
N PHE B 7 -19.29 8.02 13.16
CA PHE B 7 -18.41 7.14 13.93
C PHE B 7 -18.59 5.72 13.46
N VAL B 8 -17.49 5.03 13.19
CA VAL B 8 -17.52 3.73 12.53
C VAL B 8 -16.77 2.68 13.35
N TYR B 9 -17.38 1.53 13.54
CA TYR B 9 -16.71 0.42 14.21
C TYR B 9 -16.74 -0.81 13.29
N GLN B 10 -15.58 -1.44 13.08
CA GLN B 10 -15.54 -2.64 12.22
C GLN B 10 -14.93 -3.77 13.00
N PHE B 11 -15.42 -4.97 12.76
CA PHE B 11 -14.81 -6.17 13.32
C PHE B 11 -14.69 -7.16 12.20
N LYS B 12 -13.49 -7.69 11.99
CA LYS B 12 -13.20 -8.55 10.85
C LYS B 12 -12.60 -9.88 11.32
N GLY B 13 -13.27 -10.99 11.04
CA GLY B 13 -12.71 -12.28 11.39
C GLY B 13 -12.07 -12.95 10.17
N MET B 14 -10.77 -12.70 9.96
CA MET B 14 -10.14 -13.11 8.71
C MET B 14 -9.36 -14.41 8.79
N CYS B 15 -9.60 -15.28 7.79
CA CYS B 15 -8.87 -16.53 7.64
C CYS B 15 -7.91 -16.51 6.44
N TYR B 16 -6.75 -17.07 6.69
CA TYR B 16 -5.65 -17.09 5.75
C TYR B 16 -5.23 -18.54 5.52
N PHE B 17 -5.36 -19.03 4.29
CA PHE B 17 -5.06 -20.44 3.99
C PHE B 17 -3.89 -20.57 3.03
N THR B 18 -3.05 -21.57 3.24
CA THR B 18 -1.91 -21.81 2.32
C THR B 18 -1.63 -23.32 2.18
N ASN B 19 -1.21 -23.75 0.98
CA ASN B 19 -1.09 -25.17 0.64
C ASN B 19 -2.28 -25.99 1.13
N GLY B 20 -3.44 -25.76 0.52
CA GLY B 20 -4.66 -26.37 0.99
C GLY B 20 -4.89 -25.97 2.44
N THR B 21 -4.88 -26.94 3.34
CA THR B 21 -5.22 -26.65 4.72
C THR B 21 -4.04 -26.93 5.68
N GLU B 22 -2.84 -27.11 5.12
CA GLU B 22 -1.61 -27.27 5.89
C GLU B 22 -1.33 -26.11 6.85
N ARG B 23 -1.38 -24.87 6.35
CA ARG B 23 -1.20 -23.69 7.19
C ARG B 23 -2.44 -22.80 7.21
N VAL B 24 -3.06 -22.69 8.38
CA VAL B 24 -4.24 -21.85 8.52
C VAL B 24 -4.06 -20.85 9.67
N ARG B 25 -4.33 -19.58 9.39
CA ARG B 25 -4.12 -18.54 10.37
C ARG B 25 -5.35 -17.65 10.49
N LEU B 26 -5.73 -17.37 11.74
CA LEU B 26 -6.86 -16.51 12.02
C LEU B 26 -6.39 -15.21 12.62
N VAL B 27 -6.92 -14.11 12.13
CA VAL B 27 -6.68 -12.82 12.73
C VAL B 27 -7.96 -12.01 12.86
N SER B 28 -8.52 -12.00 14.06
CA SER B 28 -9.69 -11.17 14.34
C SER B 28 -9.21 -9.74 14.56
N ARG B 29 -9.88 -8.78 13.94
CA ARG B 29 -9.44 -7.40 13.96
C ARG B 29 -10.57 -6.47 14.37
N SER B 30 -10.28 -5.54 15.28
CA SER B 30 -11.26 -4.53 15.66
C SER B 30 -10.83 -3.17 15.17
N ILE B 31 -11.73 -2.44 14.51
CA ILE B 31 -11.32 -1.21 13.87
C ILE B 31 -12.21 -0.05 14.30
N TYR B 32 -11.60 1.03 14.78
CA TYR B 32 -12.33 2.24 15.13
C TYR B 32 -11.95 3.28 14.09
N ASN B 33 -12.88 3.68 13.20
CA ASN B 33 -12.56 4.62 12.10
C ASN B 33 -11.25 4.39 11.36
N ARG B 34 -11.13 3.26 10.66
CA ARG B 34 -9.91 2.93 9.88
C ARG B 34 -8.66 2.65 10.66
N GLU B 35 -8.75 2.71 11.99
CA GLU B 35 -7.63 2.39 12.87
C GLU B 35 -7.88 1.10 13.62
N GLU B 36 -7.18 0.04 13.25
CA GLU B 36 -7.21 -1.19 14.03
C GLU B 36 -6.69 -0.91 15.44
N ILE B 37 -7.44 -1.36 16.46
CA ILE B 37 -7.08 -1.06 17.84
C ILE B 37 -6.80 -2.31 18.67
N VAL B 38 -7.48 -3.40 18.39
CA VAL B 38 -7.20 -4.64 19.09
C VAL B 38 -7.17 -5.74 18.06
N ARG B 39 -6.41 -6.80 18.33
CA ARG B 39 -6.33 -7.89 17.37
C ARG B 39 -6.13 -9.23 18.05
N PHE B 40 -6.81 -10.28 17.59
CA PHE B 40 -6.43 -11.62 18.00
C PHE B 40 -5.85 -12.38 16.84
N ASP B 41 -4.60 -12.79 16.96
CA ASP B 41 -3.90 -13.47 15.90
C ASP B 41 -3.49 -14.84 16.42
N SER B 42 -4.01 -15.88 15.78
CA SER B 42 -3.78 -17.26 16.19
C SER B 42 -2.29 -17.63 16.23
N ASP B 43 -1.46 -16.88 15.52
CA ASP B 43 -0.01 -17.07 15.58
C ASP B 43 0.50 -16.70 16.98
N VAL B 44 0.05 -15.56 17.47
CA VAL B 44 0.36 -15.09 18.80
C VAL B 44 -0.30 -15.97 19.87
N GLY B 45 -1.64 -15.99 19.90
CA GLY B 45 -2.37 -16.86 20.81
C GLY B 45 -3.18 -16.08 21.82
N GLU B 46 -3.05 -14.76 21.78
CA GLU B 46 -3.78 -13.89 22.69
C GLU B 46 -3.96 -12.52 22.05
N PHE B 47 -4.89 -11.74 22.60
CA PHE B 47 -5.14 -10.37 22.15
C PHE B 47 -3.95 -9.45 22.38
N ARG B 48 -3.79 -8.46 21.52
CA ARG B 48 -2.72 -7.48 21.66
C ARG B 48 -3.26 -6.14 21.25
N ALA B 49 -3.14 -5.13 22.10
CA ALA B 49 -3.54 -3.78 21.69
C ALA B 49 -2.64 -3.40 20.55
N VAL B 50 -3.09 -2.58 19.66
CA VAL B 50 -2.40 -2.28 18.46
C VAL B 50 -2.29 -0.80 18.44
N THR B 51 -3.14 -0.14 19.19
CA THR B 51 -2.97 1.24 19.63
C THR B 51 -3.44 1.37 21.08
N LEU B 52 -3.29 2.56 21.64
CA LEU B 52 -3.68 2.78 23.03
C LEU B 52 -5.17 2.52 23.27
N LEU B 53 -6.00 2.88 22.28
CA LEU B 53 -7.43 2.69 22.44
C LEU B 53 -7.75 1.23 22.73
N GLY B 54 -6.94 0.33 22.19
CA GLY B 54 -7.24 -1.08 22.30
C GLY B 54 -6.70 -1.73 23.56
N LEU B 55 -6.09 -0.92 24.42
CA LEU B 55 -5.41 -1.43 25.62
C LEU B 55 -6.34 -2.01 26.69
N PRO B 56 -7.36 -1.25 27.12
CA PRO B 56 -8.26 -1.88 28.10
C PRO B 56 -8.93 -3.13 27.54
N ALA B 57 -9.40 -3.07 26.30
CA ALA B 57 -10.04 -4.22 25.69
C ALA B 57 -9.17 -5.50 25.76
N ALA B 58 -7.96 -5.40 25.26
CA ALA B 58 -7.04 -6.52 25.26
C ALA B 58 -6.73 -7.04 26.66
N GLU B 59 -6.54 -6.12 27.61
CA GLU B 59 -6.23 -6.50 28.98
C GLU B 59 -7.40 -7.30 29.59
N TYR B 60 -8.61 -6.77 29.45
CA TYR B 60 -9.78 -7.47 29.92
C TYR B 60 -9.97 -8.84 29.24
N TRP B 61 -10.05 -8.85 27.91
CA TRP B 61 -10.29 -10.13 27.19
C TRP B 61 -9.24 -11.20 27.52
N ASN B 62 -7.98 -10.80 27.64
CA ASN B 62 -6.89 -11.73 27.97
C ASN B 62 -7.01 -12.28 29.39
N SER B 63 -7.70 -11.57 30.26
CA SER B 63 -7.80 -12.02 31.64
C SER B 63 -8.84 -13.13 31.78
N GLN B 64 -9.62 -13.36 30.74
CA GLN B 64 -10.65 -14.40 30.74
C GLN B 64 -10.20 -15.71 30.12
N LYS B 65 -9.97 -16.71 30.97
CA LYS B 65 -9.41 -17.98 30.54
C LYS B 65 -10.31 -18.65 29.52
N ASP B 66 -11.62 -18.48 29.69
CA ASP B 66 -12.60 -19.11 28.80
C ASP B 66 -12.72 -18.37 27.46
N ILE B 67 -12.54 -17.04 27.47
CA ILE B 67 -12.49 -16.28 26.22
C ILE B 67 -11.32 -16.70 25.33
N LEU B 68 -10.12 -16.78 25.89
CA LEU B 68 -8.96 -17.19 25.12
C LEU B 68 -9.10 -18.63 24.64
N GLU B 69 -9.76 -19.45 25.42
CA GLU B 69 -9.99 -20.84 25.15
C GLU B 69 -10.69 -21.02 23.85
N ARG B 70 -11.68 -20.20 23.64
CA ARG B 70 -12.54 -20.21 22.51
C ARG B 70 -12.03 -19.54 21.29
N LYS B 71 -11.25 -18.51 21.41
CA LYS B 71 -10.56 -17.85 20.30
C LYS B 71 -9.43 -18.72 19.77
N ARG B 72 -8.79 -19.48 20.64
CA ARG B 72 -7.77 -20.43 20.20
C ARG B 72 -8.33 -21.60 19.42
N ALA B 73 -9.61 -21.89 19.64
CA ALA B 73 -10.30 -22.97 18.94
C ALA B 73 -10.92 -22.49 17.62
N ALA B 74 -11.02 -21.18 17.47
CA ALA B 74 -11.69 -20.55 16.34
C ALA B 74 -11.11 -20.90 14.96
N VAL B 75 -9.80 -21.04 14.90
CA VAL B 75 -9.13 -21.40 13.66
C VAL B 75 -9.61 -22.77 13.18
N ASP B 76 -10.10 -23.60 14.09
CA ASP B 76 -10.62 -24.92 13.74
C ASP B 76 -12.15 -24.88 13.59
N ARG B 77 -12.80 -24.21 14.52
CA ARG B 77 -14.26 -24.09 14.50
C ARG B 77 -14.74 -23.31 13.28
N VAL B 78 -14.07 -22.22 12.95
CA VAL B 78 -14.56 -21.32 11.89
C VAL B 78 -13.81 -21.48 10.57
N CYS B 79 -12.49 -21.35 10.59
CA CYS B 79 -11.66 -21.41 9.39
C CYS B 79 -11.65 -22.79 8.72
N ARG B 80 -11.17 -23.81 9.42
CA ARG B 80 -11.05 -25.13 8.81
C ARG B 80 -12.42 -25.70 8.40
N HIS B 81 -13.45 -25.35 9.17
CA HIS B 81 -14.80 -25.83 8.90
C HIS B 81 -15.34 -25.29 7.57
N ASN B 82 -15.36 -23.95 7.47
CA ASN B 82 -15.78 -23.26 6.27
C ASN B 82 -14.97 -23.69 5.05
N TYR B 83 -13.70 -23.97 5.26
CA TYR B 83 -12.84 -24.32 4.14
C TYR B 83 -13.35 -25.57 3.42
N GLN B 84 -13.78 -26.56 4.20
CA GLN B 84 -14.37 -27.78 3.67
C GLN B 84 -15.57 -27.47 2.75
N LEU B 85 -16.38 -26.50 3.13
CA LEU B 85 -17.49 -26.04 2.31
C LEU B 85 -16.97 -25.31 1.08
N GLU B 86 -15.89 -24.56 1.25
CA GLU B 86 -15.30 -23.84 0.14
C GLU B 86 -14.73 -24.80 -0.91
N LEU B 87 -14.16 -25.91 -0.44
CA LEU B 87 -13.52 -26.90 -1.30
C LEU B 87 -14.53 -27.56 -2.25
N ARG B 88 -15.77 -27.64 -1.80
CA ARG B 88 -16.84 -28.33 -2.51
C ARG B 88 -17.61 -27.41 -3.44
N THR B 89 -17.38 -26.10 -3.31
CA THR B 89 -18.11 -25.08 -4.06
C THR B 89 -17.22 -23.95 -4.63
N THR B 90 -16.95 -22.96 -3.80
CA THR B 90 -16.20 -21.76 -4.23
C THR B 90 -14.88 -22.07 -4.94
N LEU B 91 -14.10 -23.00 -4.40
CA LEU B 91 -12.82 -23.34 -5.00
C LEU B 91 -12.98 -24.27 -6.20
N GLN B 92 -14.23 -24.60 -6.53
CA GLN B 92 -14.56 -25.46 -7.66
C GLN B 92 -15.10 -24.65 -8.83
N ARG B 93 -15.48 -23.42 -8.52
CA ARG B 93 -15.96 -22.52 -9.55
C ARG B 93 -14.94 -22.39 -10.68
N ARG B 94 -15.32 -22.84 -11.87
CA ARG B 94 -14.50 -22.61 -13.06
C ARG B 94 -15.38 -22.00 -14.15
N VAL B 95 -15.13 -20.74 -14.48
CA VAL B 95 -15.84 -20.05 -15.52
C VAL B 95 -14.87 -19.75 -16.65
N GLU B 96 -15.22 -20.15 -17.86
CA GLU B 96 -14.31 -20.08 -19.02
C GLU B 96 -14.25 -18.70 -19.70
N PRO B 97 -13.03 -18.25 -20.00
CA PRO B 97 -12.83 -16.93 -20.62
C PRO B 97 -13.45 -16.85 -22.01
N THR B 98 -14.00 -15.68 -22.36
CA THR B 98 -14.34 -15.51 -23.75
C THR B 98 -13.39 -14.50 -24.35
N VAL B 99 -12.74 -14.92 -25.44
CA VAL B 99 -11.64 -14.20 -26.06
C VAL B 99 -12.00 -13.51 -27.38
N THR B 100 -11.67 -12.23 -27.46
CA THR B 100 -12.05 -11.41 -28.59
C THR B 100 -10.95 -10.46 -29.05
N ILE B 101 -10.66 -10.45 -30.35
CA ILE B 101 -9.69 -9.53 -30.89
C ILE B 101 -10.38 -8.34 -31.55
N SER B 102 -9.82 -7.16 -31.40
CA SER B 102 -10.36 -5.95 -32.00
C SER B 102 -9.28 -4.86 -32.03
N PRO B 103 -9.33 -3.97 -33.04
CA PRO B 103 -8.50 -2.77 -33.13
C PRO B 103 -8.85 -1.76 -32.02
N SER B 104 -7.91 -0.88 -31.64
CA SER B 104 -8.11 0.09 -30.55
C SER B 104 -9.44 0.83 -30.62
N ASN B 113 -1.20 2.31 -33.68
CA ASN B 113 -1.86 1.21 -34.35
C ASN B 113 -1.90 -0.06 -33.49
N LEU B 114 -3.07 -0.36 -32.95
CA LEU B 114 -3.22 -1.26 -31.81
C LEU B 114 -4.23 -2.40 -31.96
N LEU B 115 -3.83 -3.58 -31.49
CA LEU B 115 -4.68 -4.77 -31.50
C LEU B 115 -5.00 -5.17 -30.05
N VAL B 116 -6.26 -5.08 -29.64
CA VAL B 116 -6.64 -5.43 -28.27
C VAL B 116 -7.25 -6.82 -28.17
N CYS B 117 -6.69 -7.65 -27.30
CA CYS B 117 -7.25 -8.96 -27.06
C CYS B 117 -8.06 -8.96 -25.79
N SER B 118 -9.39 -8.97 -25.90
CA SER B 118 -10.24 -8.96 -24.69
C SER B 118 -10.48 -10.34 -24.13
N VAL B 119 -10.02 -10.58 -22.91
CA VAL B 119 -10.28 -11.84 -22.24
C VAL B 119 -11.21 -11.58 -21.04
N THR B 120 -12.50 -11.91 -21.19
CA THR B 120 -13.51 -11.49 -20.24
C THR B 120 -14.26 -12.63 -19.56
N ASP B 121 -14.84 -12.31 -18.41
CA ASP B 121 -15.72 -13.19 -17.64
C ASP B 121 -15.11 -14.53 -17.20
N PHE B 122 -13.97 -14.52 -16.54
CA PHE B 122 -13.40 -15.76 -16.01
C PHE B 122 -13.28 -15.87 -14.46
N TYR B 123 -13.10 -17.10 -13.98
CA TYR B 123 -12.80 -17.37 -12.58
C TYR B 123 -12.18 -18.74 -12.51
N PRO B 124 -11.11 -18.90 -11.72
CA PRO B 124 -10.49 -17.93 -10.82
C PRO B 124 -9.55 -16.99 -11.54
N ALA B 125 -8.74 -16.26 -10.78
CA ALA B 125 -7.94 -15.15 -11.31
C ALA B 125 -6.72 -15.54 -12.15
N GLN B 126 -6.16 -16.73 -11.93
CA GLN B 126 -4.96 -17.12 -12.63
C GLN B 126 -5.22 -17.19 -14.12
N ILE B 127 -4.39 -16.51 -14.89
CA ILE B 127 -4.54 -16.50 -16.32
C ILE B 127 -3.23 -16.06 -17.00
N LYS B 128 -2.95 -16.65 -18.18
CA LYS B 128 -1.80 -16.29 -18.99
C LYS B 128 -2.23 -16.01 -20.44
N VAL B 129 -1.98 -14.78 -20.89
CA VAL B 129 -2.37 -14.34 -22.22
C VAL B 129 -1.13 -14.02 -23.05
N ARG B 130 -0.94 -14.70 -24.18
CA ARG B 130 0.23 -14.44 -25.02
C ARG B 130 -0.17 -14.12 -26.46
N TRP B 131 0.46 -13.10 -27.02
CA TRP B 131 0.30 -12.77 -28.43
C TRP B 131 1.30 -13.47 -29.33
N PHE B 132 0.86 -13.82 -30.53
CA PHE B 132 1.77 -14.31 -31.54
C PHE B 132 1.57 -13.52 -32.82
N ARG B 133 2.65 -13.41 -33.59
CA ARG B 133 2.56 -12.85 -34.92
C ARG B 133 3.20 -13.87 -35.85
N ASN B 134 2.40 -14.48 -36.72
CA ASN B 134 2.91 -15.48 -37.66
C ASN B 134 3.70 -16.60 -36.95
N ASP B 135 3.13 -17.20 -35.92
CA ASP B 135 3.79 -18.31 -35.22
C ASP B 135 4.98 -17.91 -34.33
N GLN B 136 5.35 -16.63 -34.35
CA GLN B 136 6.40 -16.09 -33.47
C GLN B 136 5.80 -15.33 -32.27
N GLU B 137 6.28 -15.59 -31.07
CA GLU B 137 5.72 -14.89 -29.92
C GLU B 137 6.18 -13.44 -29.87
N GLU B 138 5.25 -12.56 -29.52
CA GLU B 138 5.53 -11.14 -29.39
C GLU B 138 5.52 -10.81 -27.90
N THR B 139 6.56 -10.15 -27.42
CA THR B 139 6.61 -9.86 -25.99
C THR B 139 6.89 -8.39 -25.75
N ALA B 140 7.87 -7.88 -26.47
CA ALA B 140 8.32 -6.50 -26.36
C ALA B 140 7.25 -5.46 -26.64
N GLY B 141 6.26 -5.81 -27.46
CA GLY B 141 5.27 -4.86 -27.92
C GLY B 141 3.92 -5.01 -27.28
N VAL B 142 3.88 -5.80 -26.21
CA VAL B 142 2.65 -6.10 -25.49
C VAL B 142 2.57 -5.36 -24.15
N VAL B 143 1.40 -4.82 -23.82
CA VAL B 143 1.14 -4.29 -22.48
C VAL B 143 -0.30 -4.56 -22.01
N SER B 144 -0.46 -5.22 -20.86
CA SER B 144 -1.77 -5.51 -20.26
C SER B 144 -2.29 -4.38 -19.38
N THR B 145 -3.61 -4.31 -19.28
CA THR B 145 -4.22 -3.58 -18.20
C THR B 145 -4.07 -4.45 -16.96
N PRO B 146 -4.28 -3.85 -15.78
CA PRO B 146 -4.29 -4.73 -14.60
C PRO B 146 -5.48 -5.68 -14.69
N LEU B 147 -5.41 -6.79 -13.98
CA LEU B 147 -6.54 -7.69 -13.84
C LEU B 147 -7.72 -6.94 -13.21
N ILE B 148 -8.86 -6.92 -13.93
CA ILE B 148 -10.04 -6.20 -13.46
C ILE B 148 -11.05 -7.14 -12.80
N ARG B 149 -11.48 -6.76 -11.61
CA ARG B 149 -12.42 -7.54 -10.82
C ARG B 149 -13.82 -6.97 -11.06
N ASN B 150 -14.72 -7.79 -11.60
CA ASN B 150 -16.04 -7.32 -12.01
C ASN B 150 -16.99 -7.10 -10.84
N GLY B 151 -16.75 -7.81 -9.73
CA GLY B 151 -17.63 -7.75 -8.59
C GLY B 151 -18.69 -8.84 -8.62
N ASP B 152 -18.80 -9.55 -9.74
CA ASP B 152 -19.85 -10.57 -9.90
C ASP B 152 -19.30 -11.98 -9.87
N TRP B 153 -18.18 -12.17 -9.19
CA TRP B 153 -17.45 -13.44 -9.23
C TRP B 153 -16.90 -13.81 -10.62
N THR B 154 -16.59 -12.80 -11.43
CA THR B 154 -15.76 -13.00 -12.61
C THR B 154 -14.71 -11.89 -12.75
N PHE B 155 -13.71 -12.14 -13.60
CA PHE B 155 -12.69 -11.12 -13.91
C PHE B 155 -12.68 -10.85 -15.39
N GLN B 156 -11.86 -9.88 -15.79
CA GLN B 156 -11.60 -9.62 -17.18
C GLN B 156 -10.24 -9.00 -17.27
N ILE B 157 -9.65 -9.04 -18.44
CA ILE B 157 -8.37 -8.41 -18.66
C ILE B 157 -8.23 -8.12 -20.15
N LEU B 158 -7.51 -7.05 -20.46
CA LEU B 158 -7.33 -6.58 -21.80
C LEU B 158 -5.83 -6.59 -22.09
N VAL B 159 -5.42 -7.23 -23.19
CA VAL B 159 -4.00 -7.35 -23.47
C VAL B 159 -3.70 -6.78 -24.85
N MET B 160 -3.10 -5.60 -24.89
CA MET B 160 -2.85 -4.90 -26.15
C MET B 160 -1.51 -5.21 -26.82
N LEU B 161 -1.49 -5.10 -28.14
CA LEU B 161 -0.30 -5.35 -28.96
C LEU B 161 -0.06 -4.28 -30.01
N GLU B 162 1.13 -3.70 -30.03
CA GLU B 162 1.48 -2.74 -31.07
C GLU B 162 1.97 -3.44 -32.34
N MET B 163 1.31 -3.16 -33.47
CA MET B 163 1.68 -3.74 -34.75
C MET B 163 1.48 -2.78 -35.91
N THR B 164 2.17 -3.04 -37.02
CA THR B 164 1.79 -2.44 -38.29
C THR B 164 1.57 -3.60 -39.25
N PRO B 165 0.32 -3.78 -39.70
CA PRO B 165 -0.13 -4.94 -40.50
C PRO B 165 0.47 -4.98 -41.93
N GLN B 166 1.14 -6.09 -42.21
CA GLN B 166 1.67 -6.43 -43.53
C GLN B 166 0.86 -7.55 -44.18
N ARG B 167 1.07 -7.77 -45.48
CA ARG B 167 0.24 -8.69 -46.26
C ARG B 167 0.44 -10.15 -45.86
N GLY B 168 -0.66 -10.88 -45.70
CA GLY B 168 -0.58 -12.24 -45.21
C GLY B 168 -0.11 -12.40 -43.76
N ASP B 169 -0.52 -11.50 -42.89
CA ASP B 169 -0.14 -11.57 -41.48
C ASP B 169 -1.26 -12.14 -40.63
N VAL B 170 -0.94 -13.14 -39.82
CA VAL B 170 -1.89 -13.72 -38.87
C VAL B 170 -1.44 -13.52 -37.40
N TYR B 171 -2.25 -12.77 -36.66
CA TYR B 171 -1.98 -12.53 -35.26
C TYR B 171 -2.78 -13.44 -34.34
N THR B 172 -2.12 -14.07 -33.39
CA THR B 172 -2.78 -15.02 -32.49
C THR B 172 -2.75 -14.68 -30.99
N CYS B 173 -3.92 -14.55 -30.40
CA CYS B 173 -4.07 -14.45 -28.95
C CYS B 173 -4.17 -15.84 -28.35
N HIS B 174 -3.31 -16.15 -27.40
CA HIS B 174 -3.21 -17.47 -26.80
C HIS B 174 -3.52 -17.37 -25.29
N VAL B 175 -4.53 -18.09 -24.80
CA VAL B 175 -4.97 -17.92 -23.40
C VAL B 175 -5.00 -19.20 -22.57
N GLU B 176 -4.31 -19.19 -21.42
CA GLU B 176 -4.30 -20.35 -20.53
C GLU B 176 -5.07 -20.07 -19.25
N HIS B 177 -5.91 -21.02 -18.86
CA HIS B 177 -6.73 -20.83 -17.68
C HIS B 177 -7.07 -22.19 -17.08
N PRO B 178 -7.14 -22.29 -15.75
CA PRO B 178 -7.44 -23.57 -15.09
C PRO B 178 -8.72 -24.21 -15.64
N SER B 179 -9.67 -23.39 -16.08
CA SER B 179 -10.94 -23.87 -16.64
C SER B 179 -10.82 -24.60 -17.99
N LEU B 180 -9.71 -24.41 -18.69
CA LEU B 180 -9.53 -24.96 -20.04
C LEU B 180 -8.57 -26.14 -20.01
N GLN B 181 -9.01 -27.25 -20.57
CA GLN B 181 -8.13 -28.40 -20.74
C GLN B 181 -7.10 -28.02 -21.79
N SER B 182 -7.61 -27.55 -22.93
CA SER B 182 -6.80 -27.04 -24.02
C SER B 182 -6.92 -25.52 -24.14
N PRO B 183 -5.79 -24.83 -24.40
CA PRO B 183 -5.66 -23.36 -24.57
C PRO B 183 -6.53 -22.81 -25.69
N ILE B 184 -7.11 -21.64 -25.47
CA ILE B 184 -7.93 -20.99 -26.49
C ILE B 184 -7.05 -20.20 -27.42
N THR B 185 -7.33 -20.28 -28.72
CA THR B 185 -6.65 -19.45 -29.70
C THR B 185 -7.68 -18.76 -30.58
N VAL B 186 -7.47 -17.47 -30.79
CA VAL B 186 -8.31 -16.64 -31.65
C VAL B 186 -7.37 -15.98 -32.63
N GLU B 187 -7.74 -15.94 -33.90
CA GLU B 187 -6.88 -15.37 -34.95
C GLU B 187 -7.41 -14.03 -35.40
N TRP B 188 -6.57 -13.26 -36.05
CA TRP B 188 -7.03 -12.01 -36.63
C TRP B 188 -6.21 -11.75 -37.88
N ARG B 189 -6.88 -11.33 -38.94
CA ARG B 189 -6.22 -11.08 -40.22
C ARG B 189 -6.38 -9.66 -40.73
N ALA B 190 -5.26 -9.11 -41.21
CA ALA B 190 -5.20 -7.81 -41.87
C ALA B 190 -6.44 -7.43 -42.68
N PRO C 1 -28.61 -31.70 8.19
CA PRO C 1 -27.51 -32.47 7.66
C PRO C 1 -27.00 -31.60 6.62
N VAL C 2 -27.78 -30.57 6.44
CA VAL C 2 -27.47 -29.37 5.67
C VAL C 2 -26.32 -28.66 6.36
N SER C 3 -25.23 -28.43 5.63
CA SER C 3 -24.02 -27.85 6.22
C SER C 3 -24.10 -26.33 6.43
N LYS C 4 -23.40 -25.87 7.47
CA LYS C 4 -23.54 -24.50 7.97
C LYS C 4 -22.26 -23.70 7.80
N MET C 5 -22.39 -22.46 7.33
CA MET C 5 -21.26 -21.53 7.32
C MET C 5 -21.15 -20.86 8.68
N ARG C 6 -19.98 -20.97 9.30
CA ARG C 6 -19.75 -20.43 10.63
C ARG C 6 -19.12 -19.03 10.60
N MET C 7 -19.16 -18.35 11.72
CA MET C 7 -18.64 -16.99 11.79
C MET C 7 -17.84 -16.81 13.06
N ALA C 8 -16.87 -15.91 13.02
CA ALA C 8 -16.16 -15.49 14.23
C ALA C 8 -17.02 -14.45 14.92
N THR C 9 -16.96 -14.60 16.23
CA THR C 9 -17.83 -13.74 16.98
C THR C 9 -17.07 -12.59 17.70
N PRO C 10 -17.64 -11.37 17.70
CA PRO C 10 -17.04 -10.23 18.38
C PRO C 10 -17.24 -10.29 19.88
N LEU C 11 -16.37 -9.59 20.60
CA LEU C 11 -16.46 -9.51 22.05
C LEU C 11 -16.97 -8.15 22.57
N LEU C 12 -17.72 -8.23 23.67
CA LEU C 12 -18.18 -7.05 24.38
C LEU C 12 -17.01 -6.51 25.19
N MET C 13 -16.79 -5.20 25.12
CA MET C 13 -15.85 -4.56 26.01
C MET C 13 -16.51 -4.45 27.40
N GLN C 14 -15.73 -4.21 28.44
CA GLN C 14 -16.30 -4.19 29.79
C GLN C 14 -17.02 -2.88 30.15
N ASP D 2 6.66 -4.21 -3.34
CA ASP D 2 6.03 -5.52 -3.50
C ASP D 2 7.02 -6.66 -3.64
N ILE D 3 8.27 -6.33 -3.97
CA ILE D 3 9.30 -7.35 -4.00
C ILE D 3 9.89 -7.52 -2.59
N VAL D 4 9.91 -8.77 -2.15
CA VAL D 4 10.38 -9.11 -0.81
C VAL D 4 11.84 -9.49 -0.84
N ALA D 5 12.66 -8.80 -0.04
CA ALA D 5 14.11 -9.07 -0.01
C ALA D 5 14.65 -8.77 1.38
N ASP D 6 15.77 -9.40 1.72
CA ASP D 6 16.52 -9.03 2.91
C ASP D 6 16.96 -7.58 2.82
N HIS D 7 17.49 -7.19 1.65
CA HIS D 7 17.98 -5.83 1.46
C HIS D 7 17.56 -5.21 0.11
N VAL D 8 17.32 -3.91 0.15
CA VAL D 8 16.85 -3.13 -0.97
C VAL D 8 17.67 -1.85 -1.05
N ALA D 9 18.37 -1.69 -2.17
CA ALA D 9 19.19 -0.52 -2.43
C ALA D 9 18.66 0.14 -3.68
N SER D 10 18.89 1.44 -3.83
CA SER D 10 18.68 2.09 -5.12
C SER D 10 19.96 2.71 -5.58
N TYR D 11 20.62 2.00 -6.48
CA TYR D 11 21.89 2.44 -7.05
C TYR D 11 21.57 3.26 -8.27
N GLY D 12 20.83 4.32 -7.96
CA GLY D 12 20.41 5.32 -8.90
C GLY D 12 18.99 5.68 -8.52
N VAL D 13 18.81 6.75 -7.75
CA VAL D 13 17.53 7.44 -7.75
C VAL D 13 17.76 8.70 -8.54
N ASN D 14 17.30 8.69 -9.78
CA ASN D 14 17.56 9.77 -10.72
C ASN D 14 16.32 10.61 -10.91
N LEU D 15 16.39 11.90 -10.63
CA LEU D 15 15.23 12.76 -10.72
C LEU D 15 15.45 14.02 -11.57
N TYR D 16 14.53 14.32 -12.46
CA TYR D 16 14.52 15.59 -13.20
C TYR D 16 13.10 16.13 -13.28
N GLN D 17 12.94 17.44 -13.18
CA GLN D 17 11.63 18.05 -13.34
C GLN D 17 11.69 19.38 -14.06
N SER D 18 10.63 19.67 -14.81
CA SER D 18 10.56 20.87 -15.62
C SER D 18 10.65 22.13 -14.78
N TYR D 19 9.94 22.14 -13.65
CA TYR D 19 9.94 23.31 -12.77
C TYR D 19 11.35 23.60 -12.24
N GLY D 20 11.82 24.81 -12.54
CA GLY D 20 13.16 25.22 -12.23
C GLY D 20 13.93 25.61 -13.48
N PRO D 21 14.49 24.60 -14.19
CA PRO D 21 14.44 23.18 -13.84
C PRO D 21 15.42 22.79 -12.73
N SER D 22 15.26 21.57 -12.21
CA SER D 22 16.14 21.06 -11.18
C SER D 22 16.29 19.56 -11.36
N GLY D 23 17.37 19.01 -10.79
CA GLY D 23 17.56 17.56 -10.77
C GLY D 23 17.99 17.10 -9.39
N GLN D 24 18.11 15.79 -9.21
CA GLN D 24 18.64 15.19 -8.00
C GLN D 24 19.24 13.85 -8.36
N TYR D 25 20.38 13.52 -7.77
CA TYR D 25 20.96 12.19 -7.96
C TYR D 25 21.44 11.73 -6.61
N THR D 26 20.99 10.54 -6.22
CA THR D 26 21.25 10.03 -4.87
C THR D 26 21.27 8.50 -4.91
N HIS D 27 21.99 7.90 -3.96
CA HIS D 27 21.88 6.47 -3.75
C HIS D 27 21.28 6.20 -2.36
N GLU D 28 20.39 5.22 -2.28
CA GLU D 28 19.76 4.84 -1.04
C GLU D 28 20.08 3.37 -0.75
N PHE D 29 20.18 3.01 0.51
CA PHE D 29 20.32 1.62 0.92
C PHE D 29 19.44 1.42 2.14
N ASP D 30 18.61 0.38 2.10
CA ASP D 30 17.60 0.10 3.10
C ASP D 30 16.83 1.34 3.59
N GLY D 31 16.62 2.28 2.69
CA GLY D 31 15.77 3.42 2.95
C GLY D 31 16.46 4.67 3.37
N ASP D 32 17.79 4.61 3.54
CA ASP D 32 18.55 5.78 3.98
C ASP D 32 19.43 6.29 2.87
N GLU D 33 19.74 7.59 2.91
CA GLU D 33 20.54 8.24 1.88
C GLU D 33 22.04 7.95 2.06
N GLN D 34 22.67 7.28 1.09
CA GLN D 34 24.11 7.03 1.14
C GLN D 34 24.93 8.23 0.74
N PHE D 35 24.51 8.90 -0.34
CA PHE D 35 25.13 10.15 -0.78
C PHE D 35 24.24 10.83 -1.80
N TYR D 36 24.54 12.08 -2.15
CA TYR D 36 23.89 12.73 -3.27
C TYR D 36 24.96 13.41 -4.10
N VAL D 37 24.67 13.73 -5.36
CA VAL D 37 25.65 14.50 -6.13
C VAL D 37 25.20 15.94 -6.29
N ASP D 38 26.10 16.86 -5.98
CA ASP D 38 25.85 18.28 -6.09
C ASP D 38 26.02 18.65 -7.56
N LEU D 39 24.91 18.80 -8.26
CA LEU D 39 24.98 19.00 -9.71
C LEU D 39 25.62 20.35 -10.04
N GLY D 40 25.30 21.37 -9.22
CA GLY D 40 25.90 22.68 -9.37
C GLY D 40 27.40 22.73 -9.13
N ARG D 41 27.92 21.75 -8.40
CA ARG D 41 29.34 21.74 -8.05
C ARG D 41 30.08 20.53 -8.60
N LYS D 42 29.38 19.65 -9.32
CA LYS D 42 29.95 18.38 -9.76
C LYS D 42 30.69 17.68 -8.61
N GLU D 43 30.02 17.54 -7.47
CA GLU D 43 30.68 17.05 -6.25
C GLU D 43 29.85 15.98 -5.54
N THR D 44 30.49 14.85 -5.23
CA THR D 44 29.84 13.79 -4.47
C THR D 44 29.90 14.08 -2.98
N VAL D 45 28.75 14.15 -2.33
CA VAL D 45 28.68 14.41 -0.88
C VAL D 45 28.16 13.17 -0.16
N TRP D 46 29.04 12.46 0.53
CA TRP D 46 28.63 11.27 1.23
C TRP D 46 27.84 11.67 2.46
N CYS D 47 26.92 10.82 2.91
CA CYS D 47 26.00 11.13 4.00
C CYS D 47 26.20 10.20 5.17
N LEU D 48 27.12 9.25 5.01
CA LEU D 48 27.50 8.33 6.07
C LEU D 48 29.03 8.19 6.04
N PRO D 49 29.73 8.69 7.09
CA PRO D 49 31.19 8.80 7.17
C PRO D 49 31.97 7.63 6.57
N VAL D 50 31.56 6.46 6.88
CA VAL D 50 32.24 5.29 6.54
C VAL D 50 32.23 4.93 5.09
N LEU D 51 31.39 5.57 4.29
CA LEU D 51 31.37 5.35 2.85
C LEU D 51 32.31 6.34 2.13
N ARG D 52 32.92 7.26 2.89
CA ARG D 52 33.81 8.25 2.27
C ARG D 52 35.11 7.65 1.74
N GLN D 53 35.36 6.40 2.10
CA GLN D 53 36.51 5.69 1.56
C GLN D 53 36.36 5.29 0.10
N PHE D 54 35.13 5.36 -0.41
CA PHE D 54 34.81 4.93 -1.75
C PHE D 54 34.82 6.10 -2.70
N ARG D 55 34.89 5.77 -3.99
CA ARG D 55 34.88 6.78 -5.02
C ARG D 55 33.55 6.72 -5.76
N PHE D 56 33.15 7.84 -6.35
CA PHE D 56 32.00 7.87 -7.25
C PHE D 56 32.11 9.14 -8.10
N ASP D 57 32.39 8.96 -9.39
CA ASP D 57 32.54 10.07 -10.33
C ASP D 57 31.22 10.82 -10.56
N PRO D 58 31.14 12.07 -10.04
CA PRO D 58 29.96 12.96 -10.08
C PRO D 58 29.60 13.32 -11.52
N GLN D 59 30.58 13.20 -12.41
CA GLN D 59 30.37 13.52 -13.81
C GLN D 59 29.19 12.71 -14.34
N PHE D 60 29.17 11.44 -14.00
CA PHE D 60 28.18 10.53 -14.50
C PHE D 60 26.77 10.81 -13.97
N ALA D 61 26.68 11.39 -12.78
CA ALA D 61 25.38 11.87 -12.30
C ALA D 61 24.79 12.96 -13.19
N LEU D 62 25.62 13.88 -13.65
CA LEU D 62 25.17 14.94 -14.53
C LEU D 62 24.77 14.34 -15.88
N THR D 63 25.56 13.36 -16.30
CA THR D 63 25.29 12.59 -17.51
C THR D 63 23.91 11.94 -17.44
N ASN D 64 23.61 11.26 -16.34
CA ASN D 64 22.29 10.65 -16.14
C ASN D 64 21.15 11.66 -16.26
N ILE D 65 21.34 12.83 -15.64
CA ILE D 65 20.30 13.85 -15.67
C ILE D 65 20.04 14.39 -17.10
N ALA D 66 21.09 14.40 -17.93
CA ALA D 66 20.92 14.79 -19.34
C ALA D 66 19.94 13.87 -20.04
N VAL D 67 20.17 12.57 -19.93
CA VAL D 67 19.27 11.59 -20.49
C VAL D 67 17.82 11.84 -20.06
N LEU D 68 17.59 11.96 -18.75
CA LEU D 68 16.24 12.16 -18.23
C LEU D 68 15.58 13.39 -18.84
N LYS D 69 16.31 14.50 -18.88
CA LYS D 69 15.79 15.73 -19.45
C LYS D 69 15.32 15.50 -20.89
N HIS D 70 16.08 14.70 -21.63
CA HIS D 70 15.73 14.42 -23.00
C HIS D 70 14.45 13.57 -23.04
N ASN D 71 14.44 12.49 -22.28
CA ASN D 71 13.29 11.59 -22.33
C ASN D 71 12.00 12.26 -21.87
N LEU D 72 12.12 13.14 -20.88
CA LEU D 72 10.97 13.84 -20.34
C LEU D 72 10.33 14.69 -21.44
N ASN D 73 11.17 15.32 -22.24
CA ASN D 73 10.70 16.16 -23.34
C ASN D 73 9.90 15.36 -24.35
N SER D 74 10.34 14.12 -24.59
CA SER D 74 9.62 13.21 -25.47
C SER D 74 8.23 12.91 -24.91
N LEU D 75 8.15 12.77 -23.59
CA LEU D 75 6.90 12.32 -22.98
C LEU D 75 5.88 13.44 -22.75
N ILE D 76 6.37 14.65 -22.50
CA ILE D 76 5.48 15.79 -22.39
C ILE D 76 4.75 15.90 -23.72
N LYS D 77 5.51 15.76 -24.80
CA LYS D 77 4.95 15.75 -26.14
C LYS D 77 4.00 14.54 -26.34
N ARG D 78 4.46 13.34 -26.00
CA ARG D 78 3.69 12.17 -26.33
C ARG D 78 2.54 11.89 -25.38
N SER D 79 2.62 12.36 -24.17
CA SER D 79 1.52 12.07 -23.25
C SER D 79 0.46 13.15 -23.33
N ASN D 80 0.54 13.96 -24.39
CA ASN D 80 -0.35 15.10 -24.58
C ASN D 80 -0.31 16.05 -23.39
N SER D 81 0.91 16.33 -22.93
CA SER D 81 1.17 17.27 -21.85
C SER D 81 0.54 16.91 -20.50
N THR D 82 0.64 15.65 -20.11
CA THR D 82 0.11 15.25 -18.80
C THR D 82 1.00 15.70 -17.64
N ALA D 83 0.57 16.75 -16.95
CA ALA D 83 1.37 17.31 -15.88
C ALA D 83 1.06 16.62 -14.56
N ALA D 84 1.99 16.73 -13.61
CA ALA D 84 1.88 16.02 -12.35
C ALA D 84 0.68 16.53 -11.54
N THR D 85 0.07 15.66 -10.74
CA THR D 85 -0.98 16.08 -9.80
C THR D 85 -0.35 16.34 -8.43
N ASN D 86 -0.72 17.47 -7.83
CA ASN D 86 -0.20 17.86 -6.51
C ASN D 86 -0.85 17.06 -5.38
N GLU D 87 -0.05 16.30 -4.63
CA GLU D 87 -0.54 15.51 -3.50
C GLU D 87 -0.60 16.39 -2.27
N VAL D 88 -1.29 15.92 -1.24
CA VAL D 88 -1.22 16.58 0.08
C VAL D 88 -0.26 15.84 1.01
N PRO D 89 0.80 16.54 1.44
CA PRO D 89 1.86 16.02 2.29
C PRO D 89 1.39 15.69 3.72
N GLU D 90 2.09 14.78 4.39
CA GLU D 90 1.75 14.38 5.74
C GLU D 90 2.88 14.76 6.70
N VAL D 91 2.64 15.74 7.56
CA VAL D 91 3.70 16.30 8.40
C VAL D 91 3.67 15.80 9.84
N THR D 92 4.84 15.49 10.38
CA THR D 92 4.93 15.00 11.75
C THR D 92 6.18 15.58 12.39
N VAL D 93 6.06 16.02 13.64
CA VAL D 93 7.23 16.50 14.35
C VAL D 93 7.47 15.72 15.63
N PHE D 94 8.69 15.21 15.80
CA PHE D 94 9.07 14.46 16.99
C PHE D 94 10.53 14.75 17.36
N SER D 95 10.96 14.27 18.50
CA SER D 95 12.34 14.47 18.91
C SER D 95 13.16 13.20 18.75
N LYS D 96 14.48 13.36 18.61
CA LYS D 96 15.40 12.27 18.45
C LYS D 96 15.64 11.56 19.78
N SER D 97 15.77 12.33 20.86
CA SER D 97 16.15 11.79 22.16
C SER D 97 15.02 12.12 23.10
N PRO D 98 14.91 11.37 24.22
CA PRO D 98 13.83 11.78 25.13
C PRO D 98 14.16 13.16 25.67
N VAL D 99 13.13 13.98 25.84
CA VAL D 99 13.32 15.37 26.21
C VAL D 99 13.70 15.60 27.68
N THR D 100 14.82 16.29 27.89
CA THR D 100 15.25 16.72 29.21
C THR D 100 15.59 18.21 29.17
N LEU D 101 14.81 19.03 29.84
CA LEU D 101 15.03 20.47 29.74
C LEU D 101 16.45 20.90 30.06
N GLY D 102 16.97 21.70 29.16
CA GLY D 102 18.34 22.20 29.18
C GLY D 102 19.36 21.27 28.54
N GLN D 103 18.91 20.10 28.10
CA GLN D 103 19.77 19.11 27.48
C GLN D 103 19.68 19.18 25.96
N PRO D 104 20.85 19.13 25.27
CA PRO D 104 20.90 19.17 23.80
C PRO D 104 20.02 18.10 23.14
N ASN D 105 19.17 18.52 22.23
CA ASN D 105 18.30 17.60 21.52
C ASN D 105 18.16 18.05 20.07
N ILE D 106 17.44 17.28 19.27
CA ILE D 106 17.13 17.64 17.88
C ILE D 106 15.67 17.37 17.57
N LEU D 107 15.01 18.34 16.93
CA LEU D 107 13.65 18.17 16.42
C LEU D 107 13.61 17.66 14.98
N ILE D 108 12.77 16.66 14.75
CA ILE D 108 12.64 16.04 13.44
C ILE D 108 11.31 16.44 12.79
N CYS D 109 11.35 16.99 11.58
CA CYS D 109 10.12 17.20 10.83
C CYS D 109 10.02 16.27 9.61
N LEU D 110 9.15 15.26 9.71
CA LEU D 110 8.92 14.36 8.60
C LEU D 110 7.82 14.96 7.72
N VAL D 111 8.15 15.17 6.44
CA VAL D 111 7.21 15.62 5.43
C VAL D 111 7.06 14.48 4.45
N ASP D 112 5.91 13.80 4.50
CA ASP D 112 5.72 12.58 3.75
C ASP D 112 4.71 12.75 2.63
N ASN D 113 4.67 11.76 1.73
CA ASN D 113 3.80 11.80 0.58
C ASN D 113 3.94 13.12 -0.20
N ILE D 114 5.16 13.47 -0.56
CA ILE D 114 5.43 14.73 -1.26
C ILE D 114 5.39 14.52 -2.76
N PHE D 115 4.54 15.27 -3.44
CA PHE D 115 4.57 15.27 -4.91
C PHE D 115 3.81 16.42 -5.53
N PRO D 116 4.44 17.12 -6.49
CA PRO D 116 5.79 16.93 -7.03
C PRO D 116 6.89 17.32 -6.03
N PRO D 117 8.16 16.95 -6.29
CA PRO D 117 9.22 17.28 -5.34
C PRO D 117 9.58 18.76 -5.33
N VAL D 118 8.64 19.60 -4.88
CA VAL D 118 8.89 21.02 -4.70
C VAL D 118 8.26 21.41 -3.39
N VAL D 119 9.07 21.95 -2.48
CA VAL D 119 8.60 22.25 -1.13
C VAL D 119 9.53 23.22 -0.41
N ASN D 120 8.94 24.06 0.42
CA ASN D 120 9.70 24.91 1.35
C ASN D 120 9.45 24.38 2.77
N ILE D 121 10.51 23.93 3.44
CA ILE D 121 10.36 23.43 4.80
C ILE D 121 11.18 24.30 5.72
N THR D 122 10.47 25.02 6.61
CA THR D 122 11.08 26.00 7.50
C THR D 122 10.65 25.81 8.95
N TRP D 123 11.39 26.44 9.87
CA TRP D 123 11.13 26.34 11.31
C TRP D 123 10.75 27.69 11.98
N LEU D 124 9.98 27.62 13.08
CA LEU D 124 9.56 28.80 13.84
C LEU D 124 9.67 28.68 15.36
N SER D 125 10.33 29.64 15.96
CA SER D 125 10.18 29.70 17.38
C SER D 125 9.31 30.81 17.79
N ASN D 126 8.46 30.42 18.70
CA ASN D 126 7.45 31.35 19.21
C ASN D 126 6.77 32.19 18.12
N GLY D 127 6.63 31.62 16.92
CA GLY D 127 6.02 32.36 15.84
C GLY D 127 7.07 33.09 15.01
N HIS D 128 8.27 33.15 15.56
CA HIS D 128 9.36 33.87 15.00
C HIS D 128 10.28 32.85 14.37
N SER D 129 10.84 33.13 13.18
CA SER D 129 11.57 32.09 12.46
C SER D 129 12.98 31.82 13.01
N VAL D 130 13.47 30.60 12.78
CA VAL D 130 14.79 30.17 13.24
C VAL D 130 15.69 29.99 12.04
N THR D 131 16.87 30.58 12.09
CA THR D 131 17.76 30.59 10.94
C THR D 131 18.83 29.52 11.03
N GLU D 132 19.47 29.39 12.18
CA GLU D 132 20.60 28.49 12.34
C GLU D 132 20.27 27.17 13.06
N GLY D 133 21.07 26.14 12.78
CA GLY D 133 20.85 24.81 13.36
C GLY D 133 19.90 23.95 12.52
N VAL D 134 19.57 24.45 11.35
CA VAL D 134 18.58 23.80 10.51
C VAL D 134 19.21 23.11 9.30
N SER D 135 18.88 21.84 9.11
CA SER D 135 19.32 21.08 7.93
C SER D 135 18.25 20.10 7.46
N GLU D 136 18.52 19.42 6.35
CA GLU D 136 17.56 18.45 5.82
C GLU D 136 18.17 17.39 4.90
N THR D 137 17.45 16.28 4.76
CA THR D 137 17.85 15.26 3.81
C THR D 137 17.45 15.71 2.39
N SER D 138 17.92 15.00 1.38
CA SER D 138 17.36 15.20 0.04
C SER D 138 15.94 14.66 0.03
N PHE D 139 15.32 14.68 -1.15
CA PHE D 139 14.05 14.00 -1.34
C PHE D 139 14.36 12.51 -1.41
N LEU D 140 13.81 11.74 -0.49
CA LEU D 140 14.00 10.30 -0.47
C LEU D 140 12.81 9.65 -1.17
N SER D 141 13.03 8.53 -1.86
CA SER D 141 11.97 7.94 -2.68
C SER D 141 11.07 6.98 -1.92
N LYS D 142 9.83 6.86 -2.41
CA LYS D 142 8.88 5.92 -1.87
C LYS D 142 8.50 5.01 -3.02
N SER D 143 7.96 3.83 -2.73
CA SER D 143 7.69 2.87 -3.80
C SER D 143 6.55 3.29 -4.71
N ASP D 144 5.74 4.25 -4.28
CA ASP D 144 4.62 4.67 -5.11
C ASP D 144 5.03 5.88 -5.94
N HIS D 145 6.33 6.16 -5.89
CA HIS D 145 7.00 7.20 -6.67
C HIS D 145 6.73 8.64 -6.22
N SER D 146 6.22 8.78 -5.00
CA SER D 146 6.29 10.07 -4.33
C SER D 146 7.57 10.14 -3.47
N PHE D 147 7.80 11.29 -2.83
CA PHE D 147 8.96 11.47 -1.97
C PHE D 147 8.63 11.83 -0.51
N PHE D 148 9.61 11.66 0.37
CA PHE D 148 9.56 12.28 1.68
C PHE D 148 10.85 13.03 1.91
N LYS D 149 10.85 13.88 2.93
CA LYS D 149 11.98 14.74 3.22
C LYS D 149 11.95 15.02 4.70
N ILE D 150 13.12 15.03 5.33
CA ILE D 150 13.17 15.27 6.77
C ILE D 150 14.00 16.50 7.11
N SER D 151 13.42 17.41 7.89
CA SER D 151 14.15 18.62 8.30
C SER D 151 14.53 18.47 9.76
N TYR D 152 15.73 18.92 10.12
CA TYR D 152 16.25 18.81 11.49
C TYR D 152 16.52 20.17 12.09
N LEU D 153 16.14 20.33 13.36
CA LEU D 153 16.48 21.55 14.09
C LEU D 153 17.16 21.19 15.39
N THR D 154 18.29 21.83 15.65
CA THR D 154 18.99 21.65 16.91
C THR D 154 18.52 22.67 17.95
N LEU D 155 18.35 22.20 19.17
CA LEU D 155 17.80 23.04 20.21
C LEU D 155 18.10 22.51 21.58
N LEU D 156 18.04 23.41 22.56
CA LEU D 156 17.91 23.04 23.95
C LEU D 156 16.44 23.25 24.34
N PRO D 157 15.72 22.16 24.65
CA PRO D 157 14.33 22.33 25.12
C PRO D 157 14.32 23.22 26.36
N SER D 158 13.39 24.16 26.36
CA SER D 158 13.30 25.16 27.42
C SER D 158 11.82 25.42 27.67
N ALA D 159 11.46 25.58 28.94
CA ALA D 159 10.07 25.70 29.39
C ALA D 159 9.24 26.83 28.76
N GLU D 160 9.86 27.97 28.47
CA GLU D 160 9.10 29.10 27.92
C GLU D 160 9.32 29.36 26.42
N GLU D 161 9.62 28.30 25.66
CA GLU D 161 9.77 28.44 24.21
C GLU D 161 9.35 27.20 23.41
N SER D 162 8.37 27.37 22.53
CA SER D 162 7.81 26.27 21.75
C SER D 162 8.13 26.48 20.27
N TYR D 163 7.96 25.45 19.45
CA TYR D 163 8.40 25.52 18.06
C TYR D 163 7.35 25.11 17.02
N ASP D 164 7.46 25.68 15.82
CA ASP D 164 6.61 25.30 14.70
C ASP D 164 7.45 24.90 13.47
N CYS D 165 7.04 23.82 12.82
CA CYS D 165 7.62 23.36 11.55
C CYS D 165 6.72 23.80 10.39
N LYS D 166 7.21 24.68 9.53
CA LYS D 166 6.35 25.34 8.53
C LYS D 166 6.59 24.83 7.10
N VAL D 167 5.58 24.19 6.51
CA VAL D 167 5.74 23.50 5.23
C VAL D 167 4.94 24.16 4.11
N GLU D 168 5.59 24.41 2.97
CA GLU D 168 4.91 25.03 1.83
C GLU D 168 4.88 24.10 0.61
N HIS D 169 3.67 23.81 0.12
CA HIS D 169 3.50 22.95 -1.04
C HIS D 169 2.32 23.39 -1.88
N TRP D 170 2.36 23.01 -3.16
CA TRP D 170 1.30 23.38 -4.10
C TRP D 170 0.02 22.62 -3.80
N GLY D 171 0.19 21.40 -3.30
CA GLY D 171 -0.93 20.59 -2.87
C GLY D 171 -1.50 21.09 -1.57
N LEU D 172 -0.99 22.22 -1.08
CA LEU D 172 -1.48 22.88 0.13
C LEU D 172 -1.96 24.30 -0.18
N ASP D 173 -3.21 24.62 0.19
CA ASP D 173 -3.77 25.94 -0.07
C ASP D 173 -3.03 27.04 0.69
N LYS D 174 -2.85 26.84 2.00
CA LYS D 174 -2.10 27.76 2.85
C LYS D 174 -1.12 26.93 3.64
N PRO D 175 0.09 27.48 3.91
CA PRO D 175 1.18 26.83 4.67
C PRO D 175 0.71 26.10 5.93
N LEU D 176 1.31 24.96 6.21
CA LEU D 176 0.93 24.12 7.36
C LEU D 176 1.86 24.25 8.56
N LEU D 177 1.29 24.27 9.77
CA LEU D 177 2.09 24.33 10.98
C LEU D 177 1.86 23.13 11.90
N LYS D 178 2.90 22.33 12.07
CA LYS D 178 2.91 21.28 13.08
C LYS D 178 3.70 21.79 14.29
N HIS D 179 3.06 21.78 15.44
CA HIS D 179 3.60 22.42 16.63
C HIS D 179 4.42 21.43 17.45
N TRP D 180 5.37 21.92 18.22
CA TRP D 180 6.07 21.08 19.17
C TRP D 180 6.26 21.88 20.44
N GLU D 181 5.78 21.33 21.57
CA GLU D 181 5.87 21.93 22.92
C GLU D 181 6.67 20.99 23.78
N PRO D 182 7.59 21.43 24.64
CA PRO D 182 8.11 20.42 25.56
C PRO D 182 7.00 20.10 26.56
N GLU D 183 6.89 18.87 27.01
CA GLU D 183 5.92 18.60 28.05
C GLU D 183 5.30 17.22 27.94
N SER E 3 -1.80 27.55 -8.89
CA SER E 3 -0.50 26.97 -8.54
C SER E 3 0.26 26.58 -9.82
N PRO E 4 1.60 26.58 -9.76
CA PRO E 4 2.44 26.32 -10.94
C PRO E 4 2.38 24.86 -11.37
N GLU E 5 2.67 24.60 -12.64
CA GLU E 5 2.61 23.24 -13.17
C GLU E 5 3.97 22.61 -13.38
N ASP E 6 4.00 21.28 -13.32
CA ASP E 6 5.27 20.59 -13.24
C ASP E 6 5.22 19.25 -13.99
N PHE E 7 6.34 18.89 -14.59
CA PHE E 7 6.50 17.60 -15.26
C PHE E 7 7.68 16.89 -14.62
N VAL E 8 7.48 15.65 -14.24
CA VAL E 8 8.47 14.94 -13.44
C VAL E 8 8.89 13.63 -14.11
N TYR E 9 10.20 13.40 -14.16
CA TYR E 9 10.73 12.15 -14.69
C TYR E 9 11.67 11.53 -13.66
N GLN E 10 11.45 10.27 -13.34
CA GLN E 10 12.32 9.56 -12.41
C GLN E 10 12.86 8.30 -13.05
N PHE E 11 14.10 7.96 -12.71
CA PHE E 11 14.66 6.69 -13.12
C PHE E 11 15.30 6.03 -11.89
N LYS E 12 14.91 4.78 -11.64
CA LYS E 12 15.33 4.10 -10.43
C LYS E 12 15.98 2.78 -10.75
N GLY E 13 17.25 2.64 -10.38
CA GLY E 13 17.96 1.39 -10.52
C GLY E 13 18.00 0.63 -9.21
N MET E 14 17.04 -0.26 -9.04
CA MET E 14 16.83 -0.94 -7.77
C MET E 14 17.47 -2.34 -7.68
N CYS E 15 18.21 -2.59 -6.61
CA CYS E 15 18.77 -3.92 -6.36
C CYS E 15 18.08 -4.59 -5.17
N TYR E 16 17.82 -5.89 -5.30
CA TYR E 16 17.08 -6.67 -4.32
C TYR E 16 17.91 -7.89 -3.93
N PHE E 17 18.28 -7.96 -2.64
CA PHE E 17 19.19 -8.99 -2.16
C PHE E 17 18.51 -9.89 -1.13
N THR E 18 18.77 -11.20 -1.22
CA THR E 18 18.22 -12.15 -0.25
C THR E 18 19.24 -13.25 0.06
N ASN E 19 19.29 -13.68 1.31
CA ASN E 19 20.32 -14.60 1.82
C ASN E 19 21.70 -14.23 1.30
N GLY E 20 22.22 -13.10 1.78
CA GLY E 20 23.48 -12.59 1.30
C GLY E 20 23.35 -12.30 -0.16
N THR E 21 24.09 -13.05 -0.98
CA THR E 21 24.11 -12.82 -2.42
C THR E 21 23.57 -14.03 -3.19
N GLU E 22 22.98 -14.98 -2.48
CA GLU E 22 22.35 -16.14 -3.12
C GLU E 22 21.31 -15.71 -4.15
N ARG E 23 20.39 -14.82 -3.75
CA ARG E 23 19.41 -14.26 -4.68
C ARG E 23 19.53 -12.73 -4.78
N VAL E 24 19.87 -12.26 -5.98
CA VAL E 24 19.99 -10.84 -6.27
C VAL E 24 19.14 -10.52 -7.48
N ARG E 25 18.32 -9.48 -7.43
CA ARG E 25 17.42 -9.13 -8.52
C ARG E 25 17.54 -7.65 -8.88
N LEU E 26 17.56 -7.33 -10.17
CA LEU E 26 17.64 -5.94 -10.58
C LEU E 26 16.35 -5.47 -11.19
N VAL E 27 15.85 -4.31 -10.77
CA VAL E 27 14.68 -3.75 -11.45
C VAL E 27 14.91 -2.28 -11.82
N SER E 28 15.21 -2.06 -13.09
CA SER E 28 15.36 -0.73 -13.65
C SER E 28 13.96 -0.18 -13.92
N ARG E 29 13.68 1.06 -13.51
CA ARG E 29 12.33 1.62 -13.64
C ARG E 29 12.35 3.02 -14.20
N SER E 30 11.54 3.26 -15.22
CA SER E 30 11.40 4.61 -15.72
C SER E 30 10.00 5.10 -15.41
N ILE E 31 9.92 6.28 -14.82
CA ILE E 31 8.68 6.79 -14.28
C ILE E 31 8.40 8.21 -14.76
N TYR E 32 7.21 8.39 -15.31
CA TYR E 32 6.77 9.71 -15.75
C TYR E 32 5.64 10.15 -14.83
N ASN E 33 5.87 11.25 -14.10
CA ASN E 33 4.92 11.80 -13.12
C ASN E 33 4.25 10.73 -12.26
N ARG E 34 5.01 10.02 -11.42
CA ARG E 34 4.43 8.93 -10.60
C ARG E 34 3.91 7.71 -11.38
N GLU E 35 4.04 7.71 -12.70
CA GLU E 35 3.59 6.54 -13.47
C GLU E 35 4.78 5.78 -14.06
N GLU E 36 5.02 4.58 -13.53
CA GLU E 36 6.00 3.69 -14.15
C GLU E 36 5.53 3.33 -15.55
N ILE E 37 6.40 3.54 -16.54
CA ILE E 37 5.98 3.34 -17.92
C ILE E 37 6.77 2.23 -18.63
N VAL E 38 8.05 2.10 -18.24
CA VAL E 38 8.91 1.02 -18.72
C VAL E 38 9.76 0.45 -17.61
N ARG E 39 10.09 -0.83 -17.73
CA ARG E 39 10.88 -1.51 -16.72
C ARG E 39 11.77 -2.61 -17.31
N PHE E 40 13.01 -2.68 -16.84
CA PHE E 40 13.85 -3.84 -17.09
C PHE E 40 14.04 -4.61 -15.79
N ASP E 41 13.61 -5.87 -15.79
CA ASP E 41 13.64 -6.75 -14.65
C ASP E 41 14.43 -8.03 -14.97
N SER E 42 15.54 -8.23 -14.26
CA SER E 42 16.46 -9.34 -14.52
C SER E 42 15.81 -10.74 -14.45
N ASP E 43 14.69 -10.83 -13.73
CA ASP E 43 13.95 -12.08 -13.69
C ASP E 43 13.33 -12.38 -15.08
N VAL E 44 12.76 -11.34 -15.70
CA VAL E 44 12.25 -11.39 -17.05
C VAL E 44 13.39 -11.50 -18.06
N GLY E 45 14.19 -10.45 -18.17
CA GLY E 45 15.33 -10.48 -19.04
C GLY E 45 15.27 -9.46 -20.16
N GLU E 46 14.18 -8.72 -20.22
CA GLU E 46 14.04 -7.72 -21.27
C GLU E 46 13.13 -6.58 -20.82
N PHE E 47 13.18 -5.48 -21.58
CA PHE E 47 12.32 -4.36 -21.30
C PHE E 47 10.88 -4.74 -21.54
N ARG E 48 10.00 -4.21 -20.70
CA ARG E 48 8.59 -4.47 -20.79
C ARG E 48 7.90 -3.18 -20.45
N ALA E 49 7.07 -2.72 -21.37
CA ALA E 49 6.25 -1.56 -21.10
C ALA E 49 5.30 -1.96 -19.99
N VAL E 50 5.00 -1.03 -19.09
CA VAL E 50 4.05 -1.32 -18.02
C VAL E 50 2.78 -0.49 -18.27
N THR E 51 2.91 0.55 -19.11
CA THR E 51 1.76 1.25 -19.67
C THR E 51 1.97 1.56 -21.14
N LEU E 52 0.97 2.13 -21.78
CA LEU E 52 1.06 2.47 -23.20
C LEU E 52 2.22 3.42 -23.52
N LEU E 53 2.45 4.38 -22.65
CA LEU E 53 3.53 5.35 -22.83
C LEU E 53 4.91 4.70 -22.99
N GLY E 54 5.09 3.53 -22.37
CA GLY E 54 6.38 2.87 -22.38
C GLY E 54 6.56 1.94 -23.58
N LEU E 55 5.56 1.94 -24.44
CA LEU E 55 5.56 1.02 -25.57
C LEU E 55 6.65 1.31 -26.62
N PRO E 56 6.78 2.56 -27.10
CA PRO E 56 7.86 2.79 -28.07
C PRO E 56 9.26 2.46 -27.51
N ALA E 57 9.54 2.99 -26.32
CA ALA E 57 10.81 2.79 -25.63
C ALA E 57 11.17 1.32 -25.46
N ALA E 58 10.23 0.54 -24.95
CA ALA E 58 10.44 -0.89 -24.74
C ALA E 58 10.78 -1.65 -26.03
N GLU E 59 10.09 -1.30 -27.11
CA GLU E 59 10.33 -1.93 -28.40
C GLU E 59 11.71 -1.60 -28.92
N TYR E 60 12.07 -0.32 -28.85
CA TYR E 60 13.39 0.11 -29.31
C TYR E 60 14.54 -0.53 -28.52
N TRP E 61 14.54 -0.29 -27.22
CA TRP E 61 15.60 -0.79 -26.34
C TRP E 61 15.79 -2.30 -26.47
N ASN E 62 14.69 -3.03 -26.67
CA ASN E 62 14.76 -4.48 -26.88
C ASN E 62 15.37 -4.88 -28.21
N SER E 63 15.33 -3.98 -29.20
CA SER E 63 15.85 -4.33 -30.52
C SER E 63 17.37 -4.25 -30.65
N GLN E 64 18.02 -3.61 -29.67
CA GLN E 64 19.46 -3.43 -29.71
C GLN E 64 20.14 -4.51 -28.89
N LYS E 65 20.86 -5.42 -29.55
CA LYS E 65 21.42 -6.58 -28.87
C LYS E 65 22.39 -6.19 -27.77
N ASP E 66 23.10 -5.09 -28.00
CA ASP E 66 24.12 -4.57 -27.08
C ASP E 66 23.48 -3.92 -25.86
N ILE E 67 22.31 -3.32 -26.07
CA ILE E 67 21.55 -2.77 -24.98
C ILE E 67 21.13 -3.88 -24.02
N LEU E 68 20.57 -4.96 -24.56
CA LEU E 68 20.21 -6.10 -23.72
C LEU E 68 21.46 -6.76 -23.15
N GLU E 69 22.53 -6.78 -23.92
CA GLU E 69 23.79 -7.35 -23.45
C GLU E 69 24.20 -6.74 -22.11
N ARG E 70 24.24 -5.40 -22.06
CA ARG E 70 24.64 -4.67 -20.87
C ARG E 70 23.69 -4.89 -19.72
N LYS E 71 22.41 -4.72 -20.00
CA LYS E 71 21.39 -4.79 -18.96
C LYS E 71 21.33 -6.15 -18.28
N ARG E 72 21.52 -7.20 -19.05
CA ARG E 72 21.56 -8.53 -18.47
C ARG E 72 22.80 -8.72 -17.60
N ALA E 73 23.81 -7.89 -17.83
CA ALA E 73 25.03 -7.95 -17.03
C ALA E 73 24.94 -7.06 -15.81
N ALA E 74 23.96 -6.15 -15.79
CA ALA E 74 23.87 -5.15 -14.74
C ALA E 74 23.77 -5.73 -13.33
N VAL E 75 23.01 -6.80 -13.14
CA VAL E 75 22.85 -7.41 -11.82
C VAL E 75 24.19 -7.83 -11.22
N ASP E 76 25.17 -8.07 -12.09
CA ASP E 76 26.50 -8.48 -11.67
C ASP E 76 27.43 -7.27 -11.62
N ARG E 77 27.37 -6.43 -12.65
CA ARG E 77 28.21 -5.26 -12.69
C ARG E 77 27.85 -4.29 -11.56
N VAL E 78 26.57 -4.07 -11.32
CA VAL E 78 26.15 -3.05 -10.34
C VAL E 78 25.77 -3.62 -8.98
N CYS E 79 24.79 -4.52 -8.97
CA CYS E 79 24.29 -5.03 -7.71
C CYS E 79 25.34 -5.85 -6.98
N ARG E 80 25.81 -6.95 -7.57
CA ARG E 80 26.74 -7.82 -6.84
C ARG E 80 28.01 -7.15 -6.37
N HIS E 81 28.48 -6.19 -7.18
CA HIS E 81 29.67 -5.41 -6.89
C HIS E 81 29.49 -4.47 -5.72
N ASN E 82 28.52 -3.58 -5.83
CA ASN E 82 28.24 -2.61 -4.78
C ASN E 82 27.99 -3.33 -3.45
N TYR E 83 27.33 -4.48 -3.50
CA TYR E 83 27.04 -5.25 -2.30
C TYR E 83 28.34 -5.63 -1.56
N GLN E 84 29.37 -6.01 -2.31
CA GLN E 84 30.69 -6.29 -1.74
C GLN E 84 31.26 -5.09 -0.98
N LEU E 85 31.04 -3.89 -1.50
CA LEU E 85 31.48 -2.70 -0.78
C LEU E 85 30.64 -2.46 0.48
N GLU E 86 29.34 -2.71 0.36
CA GLU E 86 28.38 -2.57 1.46
C GLU E 86 28.67 -3.53 2.59
N LEU E 87 29.13 -4.72 2.24
CA LEU E 87 29.42 -5.74 3.25
C LEU E 87 30.56 -5.27 4.15
N ARG E 88 31.42 -4.45 3.59
CA ARG E 88 32.62 -4.05 4.28
C ARG E 88 32.31 -2.86 5.14
N THR E 89 31.14 -2.25 4.92
CA THR E 89 30.78 -1.00 5.60
C THR E 89 29.34 -0.96 6.16
N THR E 90 28.38 -0.58 5.32
CA THR E 90 26.96 -0.40 5.69
C THR E 90 26.32 -1.55 6.48
N LEU E 91 26.57 -2.78 6.07
CA LEU E 91 25.97 -3.92 6.75
C LEU E 91 26.69 -4.29 8.02
N GLN E 92 27.70 -3.48 8.36
CA GLN E 92 28.45 -3.68 9.59
C GLN E 92 28.10 -2.62 10.61
N ARG E 93 27.39 -1.59 10.17
CA ARG E 93 26.96 -0.53 11.07
C ARG E 93 26.18 -1.15 12.21
N ARG E 94 26.71 -0.99 13.41
CA ARG E 94 26.03 -1.37 14.64
C ARG E 94 26.04 -0.15 15.54
N VAL E 95 24.90 0.46 15.80
CA VAL E 95 24.87 1.56 16.75
C VAL E 95 24.00 1.19 17.96
N GLU E 96 24.55 1.31 19.16
CA GLU E 96 23.84 0.85 20.34
C GLU E 96 22.75 1.83 20.76
N PRO E 97 21.56 1.30 21.06
CA PRO E 97 20.35 2.00 21.49
C PRO E 97 20.50 2.61 22.90
N THR E 98 19.98 3.76 23.20
CA THR E 98 19.87 4.20 24.59
C THR E 98 18.40 4.16 25.04
N VAL E 99 18.20 3.50 26.12
CA VAL E 99 16.95 3.13 26.77
C VAL E 99 16.61 3.99 27.99
N THR E 100 15.41 4.58 28.00
CA THR E 100 14.97 5.47 29.05
C THR E 100 13.54 5.12 29.44
N ILE E 101 13.31 4.94 30.73
CA ILE E 101 11.96 4.68 31.20
C ILE E 101 11.44 5.99 31.74
N SER E 102 10.16 6.26 31.50
CA SER E 102 9.55 7.49 32.02
C SER E 102 8.04 7.34 32.00
N PRO E 103 7.35 8.02 32.94
CA PRO E 103 5.88 8.06 32.98
C PRO E 103 5.28 8.73 31.75
N SER E 104 4.01 8.46 31.51
CA SER E 104 3.25 8.94 30.35
C SER E 104 3.47 10.43 30.05
N ASN E 113 -2.61 5.41 33.51
CA ASN E 113 -1.32 5.25 34.18
C ASN E 113 -0.34 4.44 33.34
N LEU E 114 0.61 5.14 32.73
CA LEU E 114 1.40 4.59 31.63
C LEU E 114 2.92 4.78 31.82
N LEU E 115 3.68 3.73 31.53
CA LEU E 115 5.15 3.74 31.63
C LEU E 115 5.77 3.60 30.25
N VAL E 116 6.44 4.65 29.77
CA VAL E 116 7.04 4.64 28.42
C VAL E 116 8.51 4.29 28.38
N CYS E 117 8.82 3.23 27.67
CA CYS E 117 10.20 2.84 27.49
C CYS E 117 10.74 3.35 26.14
N SER E 118 11.54 4.41 26.16
CA SER E 118 12.14 4.98 24.95
C SER E 118 13.43 4.27 24.54
N VAL E 119 13.44 3.69 23.34
CA VAL E 119 14.62 3.04 22.81
C VAL E 119 15.09 3.86 21.63
N THR E 120 16.13 4.67 21.82
CA THR E 120 16.49 5.69 20.83
C THR E 120 17.87 5.46 20.23
N ASP E 121 18.01 5.90 18.98
CA ASP E 121 19.30 5.93 18.24
C ASP E 121 20.02 4.59 18.02
N PHE E 122 19.32 3.61 17.48
CA PHE E 122 19.97 2.35 17.11
C PHE E 122 19.98 2.09 15.58
N TYR E 123 20.84 1.16 15.18
CA TYR E 123 20.93 0.66 13.81
C TYR E 123 21.63 -0.67 13.93
N PRO E 124 21.14 -1.70 13.24
CA PRO E 124 20.04 -1.66 12.27
C PRO E 124 18.65 -1.71 12.87
N ALA E 125 17.64 -1.93 12.02
CA ALA E 125 16.26 -1.78 12.43
C ALA E 125 15.76 -2.90 13.36
N GLN E 126 16.36 -4.08 13.25
CA GLN E 126 15.91 -5.22 14.02
C GLN E 126 16.04 -4.99 15.52
N ILE E 127 14.94 -5.19 16.25
CA ILE E 127 14.94 -4.99 17.70
C ILE E 127 13.79 -5.71 18.42
N LYS E 128 14.07 -6.18 19.64
CA LYS E 128 13.07 -6.84 20.48
C LYS E 128 13.00 -6.20 21.86
N VAL E 129 11.84 -5.64 22.19
CA VAL E 129 11.65 -4.94 23.45
C VAL E 129 10.61 -5.61 24.34
N ARG E 130 10.98 -6.01 25.56
CA ARG E 130 10.01 -6.69 26.43
C ARG E 130 9.86 -6.03 27.81
N TRP E 131 8.63 -5.84 28.25
CA TRP E 131 8.40 -5.34 29.59
C TRP E 131 8.29 -6.50 30.58
N PHE E 132 8.85 -6.26 31.78
CA PHE E 132 8.70 -7.15 32.91
C PHE E 132 8.25 -6.39 34.14
N ARG E 133 7.48 -7.08 34.97
CA ARG E 133 7.09 -6.62 36.30
C ARG E 133 7.39 -7.72 37.29
N ASN E 134 8.29 -7.45 38.24
CA ASN E 134 8.68 -8.40 39.28
C ASN E 134 9.10 -9.74 38.69
N ASP E 135 9.99 -9.69 37.70
CA ASP E 135 10.55 -10.89 37.09
C ASP E 135 9.54 -11.65 36.21
N GLN E 136 8.31 -11.17 36.20
CA GLN E 136 7.24 -11.74 35.39
C GLN E 136 7.02 -10.89 34.12
N GLU E 137 6.92 -11.54 32.96
CA GLU E 137 6.73 -10.79 31.71
C GLU E 137 5.31 -10.27 31.41
N GLU E 138 5.23 -9.02 30.93
CA GLU E 138 3.96 -8.40 30.58
C GLU E 138 3.75 -8.29 29.05
N THR E 139 2.61 -8.76 28.56
CA THR E 139 2.34 -8.76 27.12
C THR E 139 1.01 -8.11 26.78
N ALA E 140 -0.03 -8.52 27.50
CA ALA E 140 -1.40 -8.04 27.30
C ALA E 140 -1.53 -6.53 27.46
N GLY E 141 -0.65 -5.94 28.27
CA GLY E 141 -0.74 -4.53 28.61
C GLY E 141 0.30 -3.65 27.93
N VAL E 142 1.00 -4.22 26.95
CA VAL E 142 2.04 -3.49 26.22
C VAL E 142 1.63 -3.11 24.80
N VAL E 143 1.96 -1.89 24.39
CA VAL E 143 1.80 -1.49 22.99
C VAL E 143 2.95 -0.59 22.52
N SER E 144 3.62 -0.99 21.45
CA SER E 144 4.71 -0.21 20.86
C SER E 144 4.14 0.83 19.92
N THR E 145 4.85 1.94 19.74
CA THR E 145 4.63 2.80 18.59
C THR E 145 5.24 2.12 17.38
N PRO E 146 5.00 2.65 16.16
CA PRO E 146 5.70 2.08 15.00
C PRO E 146 7.20 2.37 15.08
N LEU E 147 8.01 1.55 14.42
CA LEU E 147 9.43 1.85 14.27
C LEU E 147 9.58 3.20 13.58
N ILE E 148 10.27 4.12 14.22
CA ILE E 148 10.43 5.44 13.65
C ILE E 148 11.80 5.58 12.97
N ARG E 149 11.80 6.05 11.73
CA ARG E 149 13.03 6.26 10.99
C ARG E 149 13.43 7.72 11.08
N ASN E 150 14.57 7.99 11.72
CA ASN E 150 15.05 9.34 11.98
C ASN E 150 15.62 10.06 10.74
N GLY E 151 16.10 9.28 9.76
CA GLY E 151 16.74 9.85 8.60
C GLY E 151 18.25 9.98 8.73
N ASP E 152 18.78 9.76 9.92
CA ASP E 152 20.22 9.94 10.11
C ASP E 152 20.92 8.60 10.28
N TRP E 153 20.38 7.56 9.67
CA TRP E 153 20.93 6.20 9.81
C TRP E 153 20.82 5.68 11.21
N THR E 154 19.80 6.15 11.93
CA THR E 154 19.38 5.53 13.17
C THR E 154 17.86 5.37 13.23
N PHE E 155 17.40 4.52 14.14
CA PHE E 155 15.96 4.33 14.39
C PHE E 155 15.61 4.61 15.82
N GLN E 156 14.31 4.56 16.11
CA GLN E 156 13.83 4.59 17.49
C GLN E 156 12.45 3.95 17.56
N ILE E 157 12.06 3.58 18.78
CA ILE E 157 10.75 3.01 19.00
C ILE E 157 10.38 3.25 20.45
N LEU E 158 9.08 3.36 20.71
CA LEU E 158 8.59 3.65 22.04
C LEU E 158 7.67 2.53 22.47
N VAL E 159 7.90 1.99 23.66
CA VAL E 159 7.11 0.84 24.05
C VAL E 159 6.39 1.07 25.38
N MET E 160 5.07 1.30 25.30
CA MET E 160 4.28 1.65 26.48
C MET E 160 3.71 0.46 27.22
N LEU E 161 3.58 0.64 28.54
CA LEU E 161 3.01 -0.36 29.44
C LEU E 161 2.02 0.33 30.39
N GLU E 162 0.78 -0.15 30.38
CA GLU E 162 -0.24 0.24 31.35
C GLU E 162 0.06 -0.45 32.67
N MET E 163 0.16 0.29 33.76
CA MET E 163 0.40 -0.34 35.05
C MET E 163 -0.25 0.43 36.19
N THR E 164 -0.46 -0.24 37.32
CA THR E 164 -0.77 0.51 38.54
C THR E 164 0.28 0.18 39.58
N PRO E 165 1.09 1.18 39.96
CA PRO E 165 2.22 0.88 40.83
C PRO E 165 1.74 0.52 42.23
N GLN E 166 2.11 -0.67 42.68
CA GLN E 166 1.91 -1.02 44.06
C GLN E 166 3.30 -0.87 44.60
N ARG E 167 3.48 -0.75 45.89
CA ARG E 167 4.82 -0.45 46.32
C ARG E 167 5.67 -1.71 46.43
N GLY E 168 6.98 -1.51 46.23
CA GLY E 168 7.91 -2.59 46.12
C GLY E 168 7.68 -3.26 44.79
N ASP E 169 7.36 -2.46 43.79
CA ASP E 169 7.16 -2.99 42.44
C ASP E 169 8.37 -2.66 41.61
N VAL E 170 8.91 -3.68 40.95
CA VAL E 170 10.06 -3.47 40.06
C VAL E 170 9.71 -3.73 38.60
N TYR E 171 9.72 -2.67 37.80
CA TYR E 171 9.46 -2.78 36.37
C TYR E 171 10.76 -2.72 35.61
N THR E 172 10.99 -3.73 34.77
CA THR E 172 12.21 -3.80 33.98
C THR E 172 11.87 -3.86 32.50
N CYS E 173 12.42 -2.90 31.76
CA CYS E 173 12.42 -2.88 30.30
C CYS E 173 13.63 -3.67 29.79
N HIS E 174 13.39 -4.67 28.94
CA HIS E 174 14.43 -5.58 28.47
C HIS E 174 14.65 -5.50 26.93
N VAL E 175 15.87 -5.17 26.49
CA VAL E 175 16.12 -4.88 25.07
C VAL E 175 17.22 -5.71 24.36
N GLU E 176 16.86 -6.37 23.26
CA GLU E 176 17.83 -7.10 22.45
C GLU E 176 18.06 -6.50 21.04
N HIS E 177 19.32 -6.37 20.66
CA HIS E 177 19.73 -5.75 19.39
C HIS E 177 21.08 -6.30 18.90
N PRO E 178 21.22 -6.49 17.57
CA PRO E 178 22.44 -7.04 16.98
C PRO E 178 23.75 -6.38 17.46
N SER E 179 23.69 -5.09 17.76
CA SER E 179 24.82 -4.33 18.26
C SER E 179 25.26 -4.72 19.67
N LEU E 180 24.36 -5.42 20.39
CA LEU E 180 24.58 -5.79 21.79
C LEU E 180 24.86 -7.28 21.96
N GLN E 181 25.95 -7.61 22.65
CA GLN E 181 26.22 -9.00 23.03
C GLN E 181 25.25 -9.51 24.09
N SER E 182 25.13 -8.79 25.19
CA SER E 182 24.12 -9.13 26.21
C SER E 182 22.98 -8.11 26.21
N PRO E 183 21.74 -8.58 26.43
CA PRO E 183 20.56 -7.70 26.49
C PRO E 183 20.69 -6.58 27.52
N ILE E 184 20.22 -5.39 27.17
CA ILE E 184 20.16 -4.24 28.05
C ILE E 184 18.90 -4.30 28.88
N THR E 185 19.02 -4.01 30.18
CA THR E 185 17.87 -3.91 31.05
C THR E 185 17.94 -2.62 31.83
N VAL E 186 16.81 -1.93 31.92
CA VAL E 186 16.69 -0.71 32.71
C VAL E 186 15.52 -0.89 33.67
N GLU E 187 15.71 -0.49 34.93
CA GLU E 187 14.66 -0.64 35.94
C GLU E 187 13.99 0.67 36.27
N TRP E 188 12.82 0.57 36.87
CA TRP E 188 12.12 1.74 37.35
C TRP E 188 11.34 1.37 38.60
N ARG E 189 11.29 2.22 39.61
CA ARG E 189 10.61 1.86 40.83
C ARG E 189 9.76 3.01 41.24
N PRO F 1 44.45 0.81 -4.26
CA PRO F 1 43.61 0.76 -3.06
C PRO F 1 42.13 1.23 -3.21
N VAL F 2 41.77 2.04 -4.22
CA VAL F 2 40.44 2.66 -4.20
C VAL F 2 39.24 2.01 -4.92
N SER F 3 38.24 1.60 -4.15
CA SER F 3 37.01 1.03 -4.71
C SER F 3 35.92 2.09 -5.05
N LYS F 4 35.16 1.81 -6.10
CA LYS F 4 34.23 2.77 -6.64
C LYS F 4 32.83 2.19 -6.52
N MET F 5 31.83 3.01 -6.15
CA MET F 5 30.43 2.58 -6.18
C MET F 5 29.87 2.75 -7.60
N ARG F 6 29.29 1.68 -8.12
CA ARG F 6 28.73 1.71 -9.47
C ARG F 6 27.25 2.09 -9.52
N MET F 7 26.77 2.41 -10.72
CA MET F 7 25.36 2.81 -10.93
C MET F 7 24.78 2.18 -12.20
N ALA F 8 23.46 1.98 -12.20
CA ALA F 8 22.71 1.60 -13.38
C ALA F 8 22.51 2.86 -14.17
N THR F 9 22.62 2.78 -15.48
CA THR F 9 22.50 3.97 -16.31
C THR F 9 21.17 3.98 -17.01
N PRO F 10 20.61 5.18 -17.22
CA PRO F 10 19.40 5.31 -18.01
C PRO F 10 19.67 5.24 -19.53
N LEU F 11 18.64 4.88 -20.29
CA LEU F 11 18.73 4.86 -21.73
C LEU F 11 18.05 6.04 -22.37
N LEU F 12 18.61 6.47 -23.51
CA LEU F 12 18.01 7.49 -24.34
C LEU F 12 16.85 6.92 -25.16
N MET F 13 15.76 7.68 -25.26
CA MET F 13 14.72 7.34 -26.24
C MET F 13 15.10 7.90 -27.62
N GLN F 14 14.50 7.35 -28.67
CA GLN F 14 14.81 7.79 -30.03
C GLN F 14 14.10 9.10 -30.38
#